data_5RB0
#
_entry.id   5RB0
#
_cell.length_a   57.520
_cell.length_b   93.920
_cell.length_c   92.910
_cell.angle_alpha   90.000
_cell.angle_beta   107.880
_cell.angle_gamma   90.000
#
_symmetry.space_group_name_H-M   'P 1 21 1'
#
loop_
_entity.id
_entity.type
_entity.pdbx_description
1 polymer 'Lysine-specific demethylase 3B'
2 non-polymer 'CHLORIDE ION'
3 non-polymer 'MANGANESE (II) ION'
4 non-polymer ~{N}-(3-acetamidophenyl)-2-methoxy-ethanamide
5 water water
#
_entity_poly.entity_id   1
_entity_poly.type   'polypeptide(L)'
_entity_poly.pdbx_seq_one_letter_code
;MHHHHHHSSGVDLGTENLYFQSMTSHSWLCDGRLLCLHDPSNKNNWKIFRECWKQGQPVLVSGVHKKLKSELWKPEAFSQ
EFGDQDVDLVNCRNCAIISDVKVRDFWDGFEIICKRLRSEDGQPMVLKLKDWPPGEDFRDMMPTRFEDLMENLPLPEYTK
RDGRLNLASRLPSYFVRPDLGPKMYNAYGLITAEDRRVGTTNLHLDVSDAVNVMVYVGIPIGEGAHDEEVLKTIDEGDAD
EVTKERIHDHKEKPGALWHIYAAKDAEKIRELLRKVGEEQGQENPPDHDPIHDQSWYLDQTLRKRLYEEYGVQGWAIVQF
LGDAVFIPAGAPHQVHNLYSCIKVAEDFVSPEHVKHCFRLTQEFRHLSNTHT
;
_entity_poly.pdbx_strand_id   A,B
#
# COMPACT_ATOMS: atom_id res chain seq x y z
N SER A 22 -48.18 1.86 18.18
CA SER A 22 -48.35 1.51 16.72
C SER A 22 -46.98 1.36 16.04
N MET A 23 -46.72 0.19 15.45
N MET A 23 -46.70 0.20 15.42
CA MET A 23 -45.56 -0.07 14.54
CA MET A 23 -45.48 -0.06 14.62
C MET A 23 -45.57 1.01 13.44
C MET A 23 -45.48 0.87 13.40
N THR A 24 -44.50 1.79 13.32
CA THR A 24 -44.33 2.81 12.25
C THR A 24 -43.16 2.44 11.33
N SER A 25 -43.14 3.00 10.12
CA SER A 25 -42.10 2.79 9.09
C SER A 25 -40.76 3.41 9.56
N HIS A 26 -40.77 4.58 10.20
CA HIS A 26 -39.52 5.28 10.57
C HIS A 26 -39.75 6.36 11.62
N SER A 27 -38.67 6.91 12.12
CA SER A 27 -38.62 8.08 13.05
C SER A 27 -37.35 8.89 12.76
N TRP A 28 -37.12 9.99 13.50
CA TRP A 28 -35.94 10.88 13.32
C TRP A 28 -35.16 10.97 14.64
N LEU A 29 -33.83 10.91 14.56
CA LEU A 29 -32.94 11.16 15.71
C LEU A 29 -32.11 12.39 15.38
N CYS A 30 -31.25 12.82 16.29
CA CYS A 30 -30.41 14.03 16.09
C CYS A 30 -31.32 15.21 15.67
N ASP A 31 -32.42 15.38 16.39
CA ASP A 31 -33.41 16.47 16.16
C ASP A 31 -33.80 16.58 14.67
N GLY A 32 -34.12 15.46 14.00
CA GLY A 32 -34.59 15.48 12.59
C GLY A 32 -33.49 15.26 11.57
N ARG A 33 -32.22 15.23 12.01
CA ARG A 33 -31.08 15.21 11.06
C ARG A 33 -30.71 13.77 10.67
N LEU A 34 -31.28 12.75 11.36
CA LEU A 34 -30.90 11.32 11.15
C LEU A 34 -32.16 10.48 10.97
N LEU A 35 -32.33 9.89 9.78
CA LEU A 35 -33.36 8.87 9.48
C LEU A 35 -33.12 7.58 10.29
N CYS A 36 -34.15 7.10 10.99
N CYS A 36 -34.17 7.06 10.92
CA CYS A 36 -34.18 5.76 11.67
CA CYS A 36 -34.18 5.77 11.66
C CYS A 36 -35.30 4.89 11.08
C CYS A 36 -35.30 4.86 11.13
N LEU A 37 -34.93 3.91 10.25
CA LEU A 37 -35.87 2.93 9.67
C LEU A 37 -36.15 1.82 10.71
N HIS A 38 -37.42 1.36 10.82
CA HIS A 38 -37.89 0.49 11.94
C HIS A 38 -37.97 -0.99 11.55
N ASP A 39 -38.12 -1.29 10.27
CA ASP A 39 -38.31 -2.65 9.72
C ASP A 39 -37.14 -2.92 8.77
N PRO A 40 -36.13 -3.71 9.19
CA PRO A 40 -34.99 -4.04 8.34
C PRO A 40 -35.33 -4.72 7.00
N SER A 41 -36.50 -5.34 6.89
CA SER A 41 -36.85 -6.17 5.70
C SER A 41 -38.00 -5.53 4.91
N ASN A 42 -38.41 -4.29 5.21
CA ASN A 42 -39.49 -3.57 4.47
C ASN A 42 -39.00 -3.32 3.03
N LYS A 43 -39.71 -3.83 2.03
CA LYS A 43 -39.29 -3.74 0.58
C LYS A 43 -39.38 -2.29 0.07
N ASN A 44 -40.01 -1.35 0.81
CA ASN A 44 -40.20 0.09 0.45
C ASN A 44 -39.18 1.00 1.19
N ASN A 45 -38.27 0.47 2.00
CA ASN A 45 -37.24 1.31 2.69
C ASN A 45 -36.52 2.23 1.70
N TRP A 46 -36.19 1.73 0.50
CA TRP A 46 -35.33 2.45 -0.47
C TRP A 46 -35.89 3.85 -0.76
N LYS A 47 -37.21 4.08 -0.66
CA LYS A 47 -37.85 5.37 -1.10
C LYS A 47 -37.48 6.53 -0.14
N ILE A 48 -37.49 6.26 1.16
CA ILE A 48 -37.08 7.18 2.26
C ILE A 48 -35.54 7.23 2.29
N PHE A 49 -34.91 6.08 2.20
CA PHE A 49 -33.43 5.95 2.38
C PHE A 49 -32.67 6.84 1.40
N ARG A 50 -33.04 6.77 0.12
N ARG A 50 -33.02 6.75 0.11
CA ARG A 50 -32.27 7.36 -1.00
CA ARG A 50 -32.25 7.38 -1.00
C ARG A 50 -32.34 8.90 -0.95
C ARG A 50 -32.33 8.90 -0.92
N GLU A 51 -33.47 9.47 -0.54
CA GLU A 51 -33.62 10.93 -0.28
C GLU A 51 -32.52 11.43 0.67
N CYS A 52 -32.29 10.76 1.82
CA CYS A 52 -31.32 11.15 2.87
C CYS A 52 -29.88 10.83 2.45
N TRP A 53 -29.67 9.69 1.83
CA TRP A 53 -28.35 9.17 1.41
C TRP A 53 -27.70 10.03 0.30
N LYS A 54 -28.48 10.54 -0.67
CA LYS A 54 -27.93 11.40 -1.76
C LYS A 54 -27.43 12.73 -1.17
N GLN A 55 -27.92 13.13 -0.01
CA GLN A 55 -27.48 14.38 0.66
C GLN A 55 -26.27 14.13 1.56
N GLY A 56 -25.71 12.92 1.58
CA GLY A 56 -24.45 12.66 2.32
C GLY A 56 -24.67 12.41 3.81
N GLN A 57 -25.90 12.03 4.21
CA GLN A 57 -26.20 11.73 5.63
C GLN A 57 -26.00 10.25 5.93
N PRO A 58 -25.59 9.93 7.17
CA PRO A 58 -25.70 8.57 7.68
C PRO A 58 -27.17 8.23 7.93
N VAL A 59 -27.43 6.95 8.07
CA VAL A 59 -28.78 6.38 8.33
C VAL A 59 -28.66 5.26 9.36
N LEU A 60 -29.70 5.07 10.17
CA LEU A 60 -29.79 3.97 11.17
C LEU A 60 -30.98 3.07 10.82
N VAL A 61 -30.79 1.75 10.88
CA VAL A 61 -31.92 0.78 10.80
C VAL A 61 -31.90 -0.11 12.05
N SER A 62 -32.98 -0.10 12.83
CA SER A 62 -33.10 -0.89 14.07
C SER A 62 -33.77 -2.25 13.79
N GLY A 63 -33.60 -3.21 14.70
CA GLY A 63 -34.31 -4.50 14.70
C GLY A 63 -33.60 -5.61 13.95
N VAL A 64 -32.36 -5.45 13.49
CA VAL A 64 -31.68 -6.51 12.67
C VAL A 64 -31.42 -7.77 13.55
N HIS A 65 -31.27 -7.61 14.88
CA HIS A 65 -31.01 -8.74 15.81
C HIS A 65 -32.16 -9.74 15.82
N LYS A 66 -33.40 -9.28 15.64
CA LYS A 66 -34.60 -10.18 15.58
C LYS A 66 -34.61 -11.02 14.30
N LYS A 67 -33.78 -10.73 13.30
CA LYS A 67 -33.72 -11.49 12.03
C LYS A 67 -32.64 -12.57 12.11
N LEU A 68 -31.72 -12.46 13.08
CA LEU A 68 -30.52 -13.31 13.13
C LEU A 68 -30.76 -14.52 14.03
N LYS A 69 -29.94 -15.57 13.90
CA LYS A 69 -29.91 -16.73 14.84
C LYS A 69 -28.99 -16.37 16.01
N SER A 70 -29.54 -15.98 17.16
CA SER A 70 -28.80 -15.33 18.27
C SER A 70 -27.65 -16.22 18.81
N GLU A 71 -27.76 -17.53 18.64
CA GLU A 71 -26.79 -18.52 19.22
C GLU A 71 -25.48 -18.47 18.41
N LEU A 72 -25.51 -18.05 17.14
CA LEU A 72 -24.32 -17.96 16.25
C LEU A 72 -23.44 -16.75 16.59
N TRP A 73 -23.90 -15.86 17.47
CA TRP A 73 -23.25 -14.54 17.70
C TRP A 73 -22.85 -14.37 19.18
N LYS A 74 -22.57 -15.45 19.89
CA LYS A 74 -22.28 -15.36 21.35
C LYS A 74 -20.78 -15.50 21.57
N PRO A 75 -20.18 -14.70 22.47
CA PRO A 75 -18.76 -14.83 22.78
C PRO A 75 -18.30 -16.25 23.18
N GLU A 76 -19.05 -16.92 24.06
CA GLU A 76 -18.75 -18.31 24.52
C GLU A 76 -18.56 -19.25 23.30
N ALA A 77 -19.29 -19.05 22.21
CA ALA A 77 -19.26 -19.97 21.04
C ALA A 77 -18.05 -19.66 20.16
N PHE A 78 -17.65 -18.40 20.06
CA PHE A 78 -16.43 -18.01 19.33
C PHE A 78 -15.23 -18.65 20.04
N SER A 79 -15.20 -18.61 21.37
CA SER A 79 -14.10 -19.17 22.20
C SER A 79 -13.98 -20.68 21.96
N GLN A 80 -15.08 -21.40 22.09
CA GLN A 80 -15.13 -22.88 21.97
C GLN A 80 -14.65 -23.29 20.58
N GLU A 81 -15.14 -22.62 19.52
CA GLU A 81 -14.95 -23.08 18.12
C GLU A 81 -13.59 -22.63 17.57
N PHE A 82 -13.02 -21.51 18.03
CA PHE A 82 -11.84 -20.88 17.38
C PHE A 82 -10.76 -20.48 18.40
N GLY A 83 -10.93 -20.84 19.68
CA GLY A 83 -10.10 -20.36 20.82
C GLY A 83 -8.62 -20.65 20.67
N ASP A 84 -8.26 -21.65 19.85
CA ASP A 84 -6.86 -22.11 19.66
C ASP A 84 -6.09 -21.26 18.63
N GLN A 85 -6.74 -20.38 17.87
CA GLN A 85 -6.04 -19.55 16.85
C GLN A 85 -5.17 -18.49 17.53
N ASP A 86 -4.03 -18.15 16.92
CA ASP A 86 -3.08 -17.09 17.37
C ASP A 86 -3.46 -15.72 16.75
N VAL A 87 -3.33 -14.64 17.53
CA VAL A 87 -3.87 -13.29 17.22
C VAL A 87 -3.02 -12.29 17.99
N ASP A 88 -3.10 -11.02 17.59
CA ASP A 88 -2.61 -9.86 18.35
C ASP A 88 -3.82 -9.09 18.87
N LEU A 89 -3.68 -8.40 20.01
CA LEU A 89 -4.71 -7.51 20.57
C LEU A 89 -4.12 -6.11 20.65
N VAL A 90 -4.96 -5.10 20.89
CA VAL A 90 -4.49 -3.72 21.17
C VAL A 90 -5.01 -3.30 22.54
N ASN A 91 -4.17 -2.65 23.32
CA ASN A 91 -4.58 -2.03 24.60
C ASN A 91 -5.16 -0.64 24.27
N CYS A 92 -6.49 -0.48 24.34
CA CYS A 92 -7.18 0.73 23.83
C CYS A 92 -6.72 1.97 24.58
N ARG A 93 -6.34 1.83 25.85
CA ARG A 93 -5.94 2.98 26.72
C ARG A 93 -4.63 3.60 26.23
N ASN A 94 -3.71 2.85 25.60
CA ASN A 94 -2.37 3.35 25.23
C ASN A 94 -1.90 2.91 23.83
N CYS A 95 -2.68 2.16 23.05
CA CYS A 95 -2.30 1.66 21.70
C CYS A 95 -1.18 0.59 21.69
N ALA A 96 -0.67 0.14 22.83
CA ALA A 96 0.34 -0.94 22.89
C ALA A 96 -0.22 -2.21 22.25
N ILE A 97 0.59 -2.92 21.47
CA ILE A 97 0.20 -4.20 20.84
C ILE A 97 0.60 -5.34 21.79
N ILE A 98 -0.34 -6.25 22.10
CA ILE A 98 -0.09 -7.53 22.82
C ILE A 98 -0.01 -8.61 21.73
N SER A 99 1.20 -9.18 21.50
CA SER A 99 1.53 -10.07 20.35
C SER A 99 1.27 -11.56 20.61
N ASP A 100 0.79 -12.24 19.60
CA ASP A 100 0.89 -13.72 19.48
C ASP A 100 0.34 -14.33 20.77
N VAL A 101 -0.93 -14.06 21.08
CA VAL A 101 -1.70 -14.76 22.14
C VAL A 101 -2.80 -15.59 21.48
N LYS A 102 -3.51 -16.39 22.28
CA LYS A 102 -4.64 -17.25 21.85
C LYS A 102 -5.93 -16.42 21.86
N VAL A 103 -6.82 -16.69 20.92
CA VAL A 103 -8.06 -15.87 20.76
C VAL A 103 -8.98 -16.10 21.98
N ARG A 104 -8.96 -17.29 22.61
CA ARG A 104 -9.64 -17.53 23.91
C ARG A 104 -9.17 -16.54 25.00
N ASP A 105 -7.94 -16.02 24.96
CA ASP A 105 -7.46 -15.08 26.00
C ASP A 105 -8.29 -13.78 25.97
N PHE A 106 -8.72 -13.41 24.76
CA PHE A 106 -9.64 -12.25 24.53
C PHE A 106 -11.06 -12.67 24.90
N TRP A 107 -11.62 -13.73 24.31
CA TRP A 107 -13.07 -14.02 24.49
C TRP A 107 -13.41 -14.39 25.95
N ASP A 108 -12.56 -15.09 26.70
CA ASP A 108 -12.98 -15.62 28.04
C ASP A 108 -13.05 -14.45 29.02
N GLY A 109 -12.46 -13.29 28.69
CA GLY A 109 -12.60 -12.05 29.50
C GLY A 109 -13.61 -11.04 28.93
N PHE A 110 -14.44 -11.40 27.94
CA PHE A 110 -15.35 -10.46 27.23
C PHE A 110 -16.31 -9.80 28.24
N GLU A 111 -16.95 -10.62 29.09
CA GLU A 111 -17.99 -10.20 30.08
C GLU A 111 -17.47 -10.36 31.51
N ILE A 112 -16.60 -11.33 31.82
CA ILE A 112 -16.06 -11.53 33.21
C ILE A 112 -14.76 -10.75 33.39
N ILE A 113 -14.79 -9.67 34.15
CA ILE A 113 -13.68 -8.70 34.24
C ILE A 113 -12.43 -9.35 34.84
N CYS A 114 -12.55 -10.20 35.88
CA CYS A 114 -11.33 -10.64 36.61
C CYS A 114 -10.51 -11.58 35.71
N LYS A 115 -11.13 -12.19 34.67
CA LYS A 115 -10.46 -13.08 33.68
C LYS A 115 -9.67 -12.32 32.59
N ARG A 116 -9.66 -10.98 32.59
CA ARG A 116 -8.99 -10.15 31.57
C ARG A 116 -7.48 -10.08 31.81
N LEU A 117 -6.68 -10.05 30.74
CA LEU A 117 -5.22 -9.80 30.86
C LEU A 117 -5.00 -8.46 31.59
N ARG A 118 -3.94 -8.35 32.39
CA ARG A 118 -3.66 -7.18 33.27
C ARG A 118 -2.45 -6.43 32.74
N SER A 119 -2.47 -5.10 32.86
CA SER A 119 -1.29 -4.25 32.56
C SER A 119 -0.38 -4.23 33.78
N GLU A 120 0.83 -3.66 33.65
CA GLU A 120 1.83 -3.48 34.76
C GLU A 120 1.13 -2.92 36.00
N ASP A 121 0.24 -1.94 35.84
CA ASP A 121 -0.42 -1.27 36.98
C ASP A 121 -1.24 -2.30 37.78
N GLY A 122 -1.40 -3.53 37.27
CA GLY A 122 -2.32 -4.54 37.83
C GLY A 122 -3.79 -4.27 37.52
N GLN A 123 -4.10 -3.40 36.55
CA GLN A 123 -5.53 -3.16 36.17
C GLN A 123 -5.91 -4.13 35.05
N PRO A 124 -7.16 -4.63 35.03
CA PRO A 124 -7.67 -5.35 33.86
C PRO A 124 -7.76 -4.40 32.64
N MET A 125 -7.18 -4.80 31.53
CA MET A 125 -7.03 -3.99 30.31
C MET A 125 -8.34 -3.92 29.53
N VAL A 126 -8.56 -2.78 28.85
CA VAL A 126 -9.62 -2.63 27.81
C VAL A 126 -8.95 -2.97 26.49
N LEU A 127 -9.39 -4.04 25.85
CA LEU A 127 -8.73 -4.66 24.70
C LEU A 127 -9.64 -4.67 23.47
N LYS A 128 -9.01 -4.67 22.31
CA LYS A 128 -9.60 -4.83 20.96
C LYS A 128 -8.88 -6.01 20.29
N LEU A 129 -9.63 -6.93 19.72
CA LEU A 129 -9.11 -8.04 18.91
C LEU A 129 -8.83 -7.51 17.50
N LYS A 130 -7.55 -7.47 17.12
CA LYS A 130 -7.08 -6.93 15.82
C LYS A 130 -7.27 -7.98 14.71
N ASP A 131 -7.89 -7.59 13.58
CA ASP A 131 -7.84 -8.29 12.26
C ASP A 131 -8.26 -9.75 12.40
N TRP A 132 -9.43 -10.01 12.98
CA TRP A 132 -9.96 -11.40 13.24
C TRP A 132 -11.44 -11.44 12.91
N PRO A 133 -11.91 -12.38 12.06
CA PRO A 133 -11.04 -13.21 11.23
C PRO A 133 -10.17 -12.39 10.28
N PRO A 134 -8.97 -12.88 9.92
CA PRO A 134 -7.97 -12.06 9.21
C PRO A 134 -8.25 -11.87 7.71
N GLY A 135 -7.82 -10.73 7.16
CA GLY A 135 -8.00 -10.38 5.74
C GLY A 135 -9.42 -10.61 5.26
N GLU A 136 -9.60 -11.47 4.26
CA GLU A 136 -10.91 -11.73 3.60
C GLU A 136 -11.40 -13.12 3.97
N ASP A 137 -11.00 -13.65 5.14
CA ASP A 137 -11.16 -15.08 5.50
C ASP A 137 -12.50 -15.30 6.21
N PHE A 138 -13.31 -14.26 6.43
CA PHE A 138 -14.54 -14.39 7.25
C PHE A 138 -15.37 -15.53 6.70
N ARG A 139 -15.69 -15.51 5.39
CA ARG A 139 -16.62 -16.48 4.74
C ARG A 139 -16.08 -17.91 4.85
N ASP A 140 -14.77 -18.10 4.65
CA ASP A 140 -14.12 -19.45 4.66
C ASP A 140 -14.17 -20.02 6.09
N MET A 141 -13.83 -19.22 7.10
CA MET A 141 -13.75 -19.67 8.51
C MET A 141 -15.15 -19.88 9.08
N MET A 142 -16.14 -19.08 8.65
CA MET A 142 -17.44 -18.98 9.35
C MET A 142 -18.64 -19.02 8.39
N PRO A 143 -18.76 -20.06 7.54
CA PRO A 143 -19.72 -20.02 6.44
C PRO A 143 -21.18 -19.84 6.87
N THR A 144 -21.58 -20.37 8.04
CA THR A 144 -22.94 -20.27 8.62
C THR A 144 -23.24 -18.84 9.13
N ARG A 145 -22.26 -18.15 9.74
CA ARG A 145 -22.37 -16.75 10.20
C ARG A 145 -22.54 -15.84 8.98
N PHE A 146 -21.72 -16.08 7.95
CA PHE A 146 -21.70 -15.35 6.66
C PHE A 146 -23.12 -15.37 6.07
N GLU A 147 -23.69 -16.56 5.93
CA GLU A 147 -25.06 -16.75 5.43
C GLU A 147 -26.05 -15.94 6.29
N ASP A 148 -26.04 -16.11 7.62
CA ASP A 148 -27.03 -15.50 8.55
C ASP A 148 -27.00 -13.96 8.40
N LEU A 149 -25.80 -13.40 8.32
CA LEU A 149 -25.61 -11.94 8.18
C LEU A 149 -26.10 -11.48 6.79
N MET A 150 -25.50 -11.99 5.71
CA MET A 150 -25.68 -11.45 4.33
C MET A 150 -27.14 -11.51 3.90
N GLU A 151 -27.87 -12.54 4.31
CA GLU A 151 -29.30 -12.76 3.96
C GLU A 151 -30.19 -11.83 4.80
N ASN A 152 -29.67 -11.08 5.76
CA ASN A 152 -30.52 -10.27 6.66
C ASN A 152 -30.03 -8.80 6.65
N LEU A 153 -29.08 -8.44 5.80
CA LEU A 153 -28.65 -7.01 5.74
C LEU A 153 -29.83 -6.18 5.22
N PRO A 154 -30.11 -5.00 5.82
CA PRO A 154 -31.09 -4.07 5.25
C PRO A 154 -30.61 -3.46 3.94
N LEU A 155 -31.52 -2.81 3.20
CA LEU A 155 -31.28 -2.13 1.90
C LEU A 155 -30.42 -3.07 1.03
N PRO A 156 -30.93 -4.29 0.75
CA PRO A 156 -30.12 -5.33 0.13
C PRO A 156 -29.68 -4.97 -1.31
N GLU A 157 -30.42 -4.11 -2.03
CA GLU A 157 -30.01 -3.72 -3.41
C GLU A 157 -28.70 -2.94 -3.34
N TYR A 158 -28.45 -2.25 -2.24
CA TYR A 158 -27.20 -1.51 -1.98
C TYR A 158 -26.16 -2.43 -1.32
N THR A 159 -26.55 -3.30 -0.38
CA THR A 159 -25.57 -3.93 0.56
C THR A 159 -25.10 -5.33 0.11
N LYS A 160 -25.86 -6.11 -0.66
CA LYS A 160 -25.43 -7.48 -1.04
C LYS A 160 -24.37 -7.38 -2.15
N ARG A 161 -23.47 -8.36 -2.21
CA ARG A 161 -22.29 -8.35 -3.15
C ARG A 161 -22.74 -8.09 -4.60
N ASP A 162 -23.86 -8.69 -5.02
CA ASP A 162 -24.39 -8.62 -6.40
C ASP A 162 -25.66 -7.76 -6.49
N GLY A 163 -26.01 -6.98 -5.46
CA GLY A 163 -27.20 -6.10 -5.49
C GLY A 163 -27.14 -5.14 -6.66
N ARG A 164 -28.29 -4.79 -7.23
CA ARG A 164 -28.40 -3.95 -8.47
C ARG A 164 -27.84 -2.53 -8.24
N LEU A 165 -27.73 -2.03 -7.00
CA LEU A 165 -27.20 -0.66 -6.73
C LEU A 165 -25.86 -0.72 -6.00
N ASN A 166 -25.19 -1.88 -6.02
CA ASN A 166 -23.79 -1.99 -5.52
C ASN A 166 -22.89 -2.08 -6.77
N LEU A 167 -22.06 -1.07 -7.00
CA LEU A 167 -21.15 -1.05 -8.17
C LEU A 167 -19.79 -1.73 -7.85
N ALA A 168 -19.58 -2.37 -6.68
CA ALA A 168 -18.29 -2.98 -6.28
C ALA A 168 -17.78 -3.89 -7.39
N SER A 169 -18.63 -4.79 -7.89
CA SER A 169 -18.25 -5.88 -8.82
C SER A 169 -18.22 -5.38 -10.27
N ARG A 170 -18.41 -4.09 -10.52
CA ARG A 170 -18.75 -3.61 -11.88
C ARG A 170 -17.80 -2.51 -12.34
N LEU A 171 -16.88 -2.03 -11.51
CA LEU A 171 -16.08 -0.81 -11.80
C LEU A 171 -14.70 -1.21 -12.31
N PRO A 172 -14.09 -0.48 -13.25
CA PRO A 172 -12.72 -0.76 -13.67
C PRO A 172 -11.72 -0.20 -12.65
N SER A 173 -10.43 -0.36 -12.96
CA SER A 173 -9.27 -0.16 -12.05
C SER A 173 -9.03 1.32 -11.81
N TYR A 174 -9.71 2.17 -12.56
CA TYR A 174 -9.79 3.62 -12.30
C TYR A 174 -10.50 3.90 -10.96
N PHE A 175 -11.18 2.91 -10.35
CA PHE A 175 -11.85 3.05 -9.03
C PHE A 175 -11.20 2.14 -7.98
N VAL A 176 -11.03 2.61 -6.74
CA VAL A 176 -10.56 1.76 -5.61
C VAL A 176 -11.74 0.87 -5.18
N ARG A 177 -11.64 -0.43 -5.38
CA ARG A 177 -12.71 -1.42 -5.07
C ARG A 177 -12.47 -1.94 -3.65
N PRO A 178 -13.51 -2.13 -2.83
CA PRO A 178 -13.34 -2.60 -1.45
C PRO A 178 -13.02 -4.11 -1.42
N ASP A 179 -12.46 -4.58 -0.31
CA ASP A 179 -12.13 -6.01 -0.10
C ASP A 179 -13.45 -6.79 -0.03
N LEU A 180 -13.37 -8.11 -0.28
CA LEU A 180 -14.46 -9.04 0.07
C LEU A 180 -14.61 -9.10 1.61
N GLY A 181 -15.81 -8.79 2.11
CA GLY A 181 -16.12 -8.77 3.55
C GLY A 181 -16.98 -9.98 3.90
N PRO A 182 -17.76 -9.93 4.99
CA PRO A 182 -17.67 -8.85 5.96
C PRO A 182 -16.40 -8.91 6.82
N LYS A 183 -16.20 -7.88 7.64
CA LYS A 183 -15.14 -7.74 8.67
C LYS A 183 -15.81 -7.69 10.05
N MET A 184 -15.16 -8.24 11.05
CA MET A 184 -15.71 -8.41 12.40
C MET A 184 -14.90 -7.51 13.32
N TYR A 185 -15.56 -6.72 14.17
CA TYR A 185 -14.97 -5.72 15.08
C TYR A 185 -15.37 -6.08 16.52
N ASN A 186 -14.40 -6.58 17.28
CA ASN A 186 -14.61 -7.12 18.64
C ASN A 186 -13.76 -6.31 19.62
N ALA A 187 -14.36 -5.72 20.65
CA ALA A 187 -13.59 -4.96 21.67
C ALA A 187 -14.37 -4.82 22.98
N TYR A 188 -13.65 -4.74 24.10
CA TYR A 188 -14.24 -4.54 25.45
C TYR A 188 -14.85 -3.12 25.48
N GLY A 189 -15.70 -2.85 26.45
CA GLY A 189 -16.19 -1.50 26.76
C GLY A 189 -15.16 -0.72 27.56
N LEU A 190 -15.09 0.58 27.27
CA LEU A 190 -14.34 1.58 28.07
C LEU A 190 -15.11 1.89 29.36
N ILE A 191 -14.39 2.18 30.43
CA ILE A 191 -14.91 1.97 31.82
C ILE A 191 -14.91 3.32 32.56
N THR A 192 -13.74 3.89 32.78
CA THR A 192 -13.52 4.97 33.78
C THR A 192 -13.77 6.33 33.16
N ALA A 193 -13.60 7.38 33.98
CA ALA A 193 -13.71 8.81 33.60
C ALA A 193 -12.61 9.17 32.60
N GLU A 194 -11.36 8.77 32.86
CA GLU A 194 -10.21 8.95 31.92
C GLU A 194 -10.49 8.26 30.57
N ASP A 195 -11.18 7.12 30.59
CA ASP A 195 -11.47 6.35 29.36
C ASP A 195 -12.38 7.19 28.42
N ARG A 196 -13.11 8.18 28.94
CA ARG A 196 -14.11 8.99 28.16
C ARG A 196 -13.42 9.70 26.98
N ARG A 197 -12.12 9.95 27.09
CA ARG A 197 -11.29 10.69 26.10
C ARG A 197 -10.61 9.72 25.10
N VAL A 198 -10.89 8.43 25.15
CA VAL A 198 -10.21 7.41 24.32
C VAL A 198 -11.20 6.82 23.31
N GLY A 199 -10.70 6.36 22.16
CA GLY A 199 -11.54 5.67 21.16
C GLY A 199 -11.32 4.17 21.16
N THR A 200 -12.36 3.40 20.84
CA THR A 200 -12.24 2.00 20.39
C THR A 200 -11.63 2.00 18.97
N THR A 201 -12.20 2.81 18.07
CA THR A 201 -11.64 3.11 16.73
C THR A 201 -11.50 4.62 16.59
N ASN A 202 -10.27 5.09 16.33
CA ASN A 202 -9.95 6.52 16.14
C ASN A 202 -10.57 7.08 14.85
N LEU A 203 -10.65 8.40 14.78
CA LEU A 203 -11.19 9.19 13.64
C LEU A 203 -10.48 8.76 12.35
N HIS A 204 -11.23 8.26 11.38
CA HIS A 204 -10.72 7.88 10.04
C HIS A 204 -11.86 8.02 9.01
N LEU A 205 -11.57 7.77 7.72
CA LEU A 205 -12.60 7.76 6.65
C LEU A 205 -12.26 6.61 5.69
N ASP A 206 -13.27 6.06 5.03
CA ASP A 206 -13.18 4.97 4.02
C ASP A 206 -13.62 5.53 2.65
N VAL A 207 -13.05 5.03 1.56
CA VAL A 207 -13.41 5.49 0.18
C VAL A 207 -14.67 4.77 -0.32
N SER A 208 -15.09 3.70 0.35
N SER A 208 -15.08 3.70 0.36
CA SER A 208 -16.35 2.97 0.06
CA SER A 208 -16.32 2.94 0.09
C SER A 208 -17.41 3.31 1.12
C SER A 208 -17.41 3.31 1.12
N ASP A 209 -18.67 2.99 0.82
CA ASP A 209 -19.79 3.08 1.79
C ASP A 209 -19.67 1.86 2.71
N ALA A 210 -20.29 1.90 3.90
CA ALA A 210 -20.30 0.72 4.76
C ALA A 210 -21.61 0.64 5.51
N VAL A 211 -22.00 -0.59 5.83
CA VAL A 211 -23.08 -0.90 6.79
C VAL A 211 -22.47 -1.69 7.95
N ASN A 212 -22.68 -1.26 9.20
CA ASN A 212 -22.08 -1.85 10.43
C ASN A 212 -23.23 -2.27 11.36
N VAL A 213 -23.35 -3.57 11.64
CA VAL A 213 -24.43 -4.15 12.49
C VAL A 213 -23.87 -4.60 13.87
N MET A 214 -24.53 -4.16 14.94
CA MET A 214 -24.30 -4.58 16.36
C MET A 214 -25.05 -5.90 16.56
N VAL A 215 -24.32 -7.02 16.60
CA VAL A 215 -24.91 -8.39 16.71
C VAL A 215 -24.89 -8.82 18.18
N TYR A 216 -24.11 -8.21 19.06
CA TYR A 216 -24.01 -8.68 20.47
C TYR A 216 -23.46 -7.56 21.34
N VAL A 217 -24.10 -7.33 22.48
CA VAL A 217 -23.62 -6.38 23.53
C VAL A 217 -23.51 -7.17 24.85
N GLY A 218 -22.31 -7.16 25.44
CA GLY A 218 -22.00 -7.84 26.70
C GLY A 218 -21.88 -6.85 27.81
N ILE A 219 -22.80 -6.90 28.74
CA ILE A 219 -22.77 -6.06 29.97
C ILE A 219 -22.06 -6.86 31.04
N PRO A 220 -20.86 -6.43 31.51
CA PRO A 220 -20.11 -7.18 32.51
C PRO A 220 -20.74 -7.32 33.90
N ILE A 221 -19.98 -8.01 34.75
CA ILE A 221 -20.31 -8.53 36.11
C ILE A 221 -18.98 -8.66 36.89
N GLY A 222 -19.04 -8.55 38.22
CA GLY A 222 -17.87 -8.46 39.12
C GLY A 222 -17.59 -7.02 39.47
N GLU A 223 -17.36 -6.18 38.44
CA GLU A 223 -17.50 -4.69 38.50
C GLU A 223 -18.74 -4.30 37.68
N GLY A 224 -19.84 -5.03 37.88
CA GLY A 224 -21.21 -4.70 37.43
C GLY A 224 -21.92 -3.85 38.47
N ALA A 225 -22.59 -2.79 38.01
CA ALA A 225 -22.96 -1.56 38.75
C ALA A 225 -22.12 -0.39 38.20
N HIS A 226 -21.85 -0.40 36.87
CA HIS A 226 -21.06 0.59 36.09
C HIS A 226 -22.02 1.46 35.24
N ASP A 227 -23.31 1.41 35.57
CA ASP A 227 -24.45 1.98 34.80
C ASP A 227 -24.31 3.51 34.71
N GLU A 228 -23.71 4.16 35.72
CA GLU A 228 -23.81 5.64 35.93
C GLU A 228 -22.82 6.41 35.05
N GLU A 229 -21.65 5.84 34.74
CA GLU A 229 -20.59 6.51 33.92
C GLU A 229 -20.94 6.35 32.43
N VAL A 230 -21.65 5.29 32.04
CA VAL A 230 -22.26 5.11 30.69
C VAL A 230 -23.21 6.30 30.40
N LEU A 231 -23.99 6.77 31.39
CA LEU A 231 -25.00 7.86 31.19
C LEU A 231 -24.29 9.20 30.96
N LYS A 232 -23.27 9.49 31.77
N LYS A 232 -23.28 9.50 31.78
CA LYS A 232 -22.44 10.71 31.67
CA LYS A 232 -22.43 10.70 31.68
C LYS A 232 -21.73 10.75 30.31
C LYS A 232 -21.78 10.74 30.29
N THR A 233 -21.23 9.60 29.83
CA THR A 233 -20.51 9.50 28.53
C THR A 233 -21.45 9.81 27.35
N ILE A 234 -22.67 9.28 27.40
CA ILE A 234 -23.72 9.52 26.37
C ILE A 234 -24.12 11.01 26.41
N ASP A 235 -24.28 11.54 27.62
CA ASP A 235 -24.71 12.95 27.86
C ASP A 235 -23.66 13.93 27.31
N GLU A 236 -22.42 13.77 27.76
CA GLU A 236 -21.22 14.53 27.35
C GLU A 236 -20.90 14.19 25.87
N GLY A 237 -21.26 13.00 25.40
CA GLY A 237 -21.15 12.61 23.98
C GLY A 237 -22.00 13.47 23.06
N ASP A 238 -22.95 14.24 23.64
CA ASP A 238 -23.82 15.26 22.98
C ASP A 238 -24.99 14.55 22.30
N ALA A 239 -25.45 13.43 22.87
CA ALA A 239 -26.55 12.60 22.33
C ALA A 239 -27.90 13.30 22.57
N ASP A 240 -28.84 13.15 21.63
CA ASP A 240 -30.16 13.83 21.63
C ASP A 240 -31.08 13.18 22.69
N GLU A 241 -32.15 13.88 23.05
CA GLU A 241 -33.09 13.53 24.15
C GLU A 241 -33.91 12.27 23.78
N VAL A 242 -34.27 12.10 22.51
CA VAL A 242 -35.01 10.89 22.03
C VAL A 242 -34.16 9.62 22.23
N THR A 243 -32.82 9.75 22.11
CA THR A 243 -31.82 8.65 22.24
C THR A 243 -31.67 8.30 23.72
N LYS A 244 -31.68 9.28 24.61
CA LYS A 244 -31.65 9.03 26.07
C LYS A 244 -32.95 8.30 26.49
N GLU A 245 -34.06 8.53 25.76
CA GLU A 245 -35.36 7.88 26.03
C GLU A 245 -35.30 6.36 25.71
N ARG A 246 -34.44 5.91 24.78
CA ARG A 246 -34.30 4.48 24.35
C ARG A 246 -33.71 3.60 25.49
N ILE A 247 -32.85 4.18 26.32
CA ILE A 247 -32.33 3.58 27.58
C ILE A 247 -33.47 3.54 28.62
N HIS A 248 -33.92 4.73 29.04
CA HIS A 248 -34.68 4.98 30.31
C HIS A 248 -36.10 4.39 30.24
N ASP A 249 -36.66 4.12 29.05
CA ASP A 249 -38.09 3.75 28.86
C ASP A 249 -38.23 2.34 28.28
N HIS A 250 -37.47 1.99 27.22
CA HIS A 250 -37.62 0.73 26.42
C HIS A 250 -36.64 -0.34 26.89
N LYS A 251 -35.61 0.03 27.68
CA LYS A 251 -34.60 -0.85 28.33
C LYS A 251 -33.78 -1.62 27.28
N GLU A 252 -33.44 -0.99 26.14
CA GLU A 252 -32.59 -1.59 25.06
C GLU A 252 -31.11 -1.54 25.49
N LYS A 253 -30.28 -2.45 24.97
CA LYS A 253 -28.83 -2.54 25.33
C LYS A 253 -28.02 -1.63 24.41
N PRO A 254 -27.40 -0.57 24.95
CA PRO A 254 -26.52 0.30 24.17
C PRO A 254 -25.10 -0.27 24.06
N GLY A 255 -24.53 -0.18 22.86
CA GLY A 255 -23.19 -0.76 22.52
C GLY A 255 -22.10 0.30 22.47
N ALA A 256 -22.25 1.25 21.54
CA ALA A 256 -21.17 2.17 21.11
C ALA A 256 -21.71 3.58 20.85
N LEU A 257 -20.96 4.59 21.28
CA LEU A 257 -21.12 6.02 20.89
C LEU A 257 -20.27 6.32 19.65
N TRP A 258 -20.90 6.69 18.53
CA TRP A 258 -20.28 7.17 17.25
C TRP A 258 -20.34 8.69 17.13
N HIS A 259 -19.32 9.30 16.51
CA HIS A 259 -19.40 10.62 15.89
C HIS A 259 -19.09 10.44 14.40
N ILE A 260 -20.02 10.90 13.57
CA ILE A 260 -19.84 10.96 12.09
C ILE A 260 -19.97 12.43 11.64
N TYR A 261 -19.15 12.82 10.67
CA TYR A 261 -19.09 14.16 10.05
C TYR A 261 -19.28 13.98 8.54
N ALA A 262 -19.90 14.98 7.89
CA ALA A 262 -20.13 15.02 6.43
C ALA A 262 -18.78 14.92 5.69
N ALA A 263 -18.71 14.20 4.58
CA ALA A 263 -17.51 14.13 3.70
C ALA A 263 -17.01 15.54 3.36
N LYS A 264 -17.94 16.49 3.19
CA LYS A 264 -17.55 17.86 2.74
C LYS A 264 -16.79 18.59 3.85
N ASP A 265 -16.85 18.14 5.11
CA ASP A 265 -16.15 18.83 6.24
C ASP A 265 -14.76 18.25 6.54
N ALA A 266 -14.27 17.26 5.79
CA ALA A 266 -13.02 16.52 6.10
C ALA A 266 -11.82 17.47 6.22
N GLU A 267 -11.71 18.43 5.30
CA GLU A 267 -10.52 19.32 5.24
C GLU A 267 -10.52 20.23 6.47
N LYS A 268 -11.66 20.80 6.87
CA LYS A 268 -11.71 21.62 8.11
C LYS A 268 -11.26 20.79 9.32
N ILE A 269 -11.66 19.52 9.40
CA ILE A 269 -11.24 18.63 10.51
C ILE A 269 -9.72 18.48 10.41
N ARG A 270 -9.16 18.33 9.20
CA ARG A 270 -7.68 18.26 9.04
C ARG A 270 -7.03 19.55 9.55
N GLU A 271 -7.59 20.72 9.24
CA GLU A 271 -7.01 22.03 9.66
C GLU A 271 -7.01 22.10 11.20
N LEU A 272 -8.12 21.75 11.85
CA LEU A 272 -8.19 21.72 13.35
C LEU A 272 -7.08 20.81 13.91
N LEU A 273 -6.93 19.59 13.39
CA LEU A 273 -6.01 18.62 14.01
C LEU A 273 -4.54 18.98 13.73
N ARG A 274 -4.27 19.67 12.63
CA ARG A 274 -2.93 20.27 12.36
C ARG A 274 -2.60 21.35 13.40
N LYS A 275 -3.54 22.23 13.71
CA LYS A 275 -3.41 23.30 14.73
C LYS A 275 -3.17 22.67 16.11
N VAL A 276 -3.98 21.69 16.50
CA VAL A 276 -3.86 21.07 17.86
C VAL A 276 -2.54 20.28 17.98
N GLY A 277 -2.14 19.55 16.94
CA GLY A 277 -0.81 18.88 16.85
C GLY A 277 0.31 19.88 17.13
N GLU A 278 0.30 21.04 16.46
CA GLU A 278 1.29 22.12 16.63
C GLU A 278 1.29 22.51 18.12
N GLU A 279 0.14 22.91 18.68
CA GLU A 279 -0.03 23.27 20.10
C GLU A 279 0.62 22.21 21.01
N GLN A 280 0.42 20.92 20.72
CA GLN A 280 0.92 19.82 21.60
C GLN A 280 2.35 19.44 21.21
N GLY A 281 3.09 20.31 20.52
CA GLY A 281 4.51 20.10 20.19
C GLY A 281 4.75 18.92 19.27
N GLN A 282 3.74 18.42 18.54
CA GLN A 282 4.00 17.48 17.40
C GLN A 282 4.83 18.27 16.37
N GLU A 283 5.63 17.60 15.56
CA GLU A 283 6.44 18.28 14.50
C GLU A 283 6.11 17.62 13.16
N ASN A 284 5.21 18.24 12.37
CA ASN A 284 4.53 17.60 11.22
C ASN A 284 4.68 18.50 9.97
N PRO A 285 5.01 17.95 8.78
CA PRO A 285 4.95 18.72 7.53
C PRO A 285 3.55 19.30 7.33
N PRO A 286 3.39 20.52 6.76
CA PRO A 286 2.12 21.24 6.81
C PRO A 286 1.00 20.62 5.94
N ASP A 287 1.32 19.56 5.20
CA ASP A 287 0.38 18.86 4.28
C ASP A 287 -0.02 17.49 4.86
N HIS A 288 0.59 17.01 5.95
CA HIS A 288 0.37 15.63 6.47
C HIS A 288 -1.10 15.50 6.87
N ASP A 289 -1.63 14.28 6.77
CA ASP A 289 -3.07 13.98 6.87
C ASP A 289 -3.35 13.34 8.24
N PRO A 290 -3.79 14.14 9.25
CA PRO A 290 -4.13 13.62 10.58
C PRO A 290 -5.33 12.68 10.58
N ILE A 291 -6.19 12.72 9.55
CA ILE A 291 -7.33 11.76 9.49
C ILE A 291 -6.80 10.41 8.96
N HIS A 292 -6.03 10.36 7.87
CA HIS A 292 -5.43 9.08 7.37
C HIS A 292 -4.53 8.43 8.45
N ASP A 293 -3.81 9.21 9.27
CA ASP A 293 -2.93 8.71 10.38
C ASP A 293 -3.72 7.86 11.39
N GLN A 294 -4.99 8.21 11.60
CA GLN A 294 -5.91 7.38 12.41
C GLN A 294 -5.41 7.43 13.87
N SER A 295 -4.84 8.57 14.26
CA SER A 295 -4.20 8.72 15.58
C SER A 295 -5.04 9.57 16.53
N TRP A 296 -6.17 10.13 16.10
CA TRP A 296 -6.95 11.11 16.93
C TRP A 296 -8.31 10.56 17.37
N TYR A 297 -8.72 10.91 18.59
CA TYR A 297 -10.13 10.76 19.07
C TYR A 297 -10.59 12.14 19.48
N LEU A 298 -11.73 12.58 18.95
CA LEU A 298 -12.29 13.93 19.27
C LEU A 298 -13.06 13.80 20.58
N ASP A 299 -12.49 14.26 21.70
CA ASP A 299 -13.17 14.28 23.02
C ASP A 299 -14.14 15.48 23.05
N GLN A 300 -14.80 15.75 24.18
CA GLN A 300 -15.80 16.85 24.27
C GLN A 300 -15.13 18.18 23.90
N THR A 301 -13.90 18.40 24.32
CA THR A 301 -13.17 19.69 24.11
C THR A 301 -12.95 19.90 22.61
N LEU A 302 -12.50 18.88 21.91
CA LEU A 302 -12.12 19.02 20.50
C LEU A 302 -13.40 19.15 19.67
N ARG A 303 -14.50 18.51 20.07
CA ARG A 303 -15.76 18.58 19.29
C ARG A 303 -16.34 19.99 19.40
N LYS A 304 -16.25 20.58 20.60
CA LYS A 304 -16.79 21.94 20.91
C LYS A 304 -16.02 22.98 20.06
N ARG A 305 -14.70 22.86 20.05
CA ARG A 305 -13.74 23.66 19.25
C ARG A 305 -14.03 23.53 17.75
N LEU A 306 -14.28 22.32 17.26
CA LEU A 306 -14.54 22.06 15.81
C LEU A 306 -15.80 22.84 15.40
N TYR A 307 -16.80 22.88 16.28
CA TYR A 307 -18.08 23.61 16.11
C TYR A 307 -17.81 25.13 16.12
N GLU A 308 -17.20 25.64 17.20
CA GLU A 308 -17.06 27.08 17.51
C GLU A 308 -16.13 27.77 16.49
N GLU A 309 -14.98 27.14 16.18
CA GLU A 309 -13.82 27.74 15.49
C GLU A 309 -13.84 27.44 13.98
N TYR A 310 -14.59 26.42 13.53
CA TYR A 310 -14.63 26.00 12.10
C TYR A 310 -16.07 25.82 11.61
N GLY A 311 -17.07 25.99 12.48
CA GLY A 311 -18.49 25.95 12.06
C GLY A 311 -18.95 24.56 11.62
N VAL A 312 -18.30 23.49 12.12
CA VAL A 312 -18.59 22.08 11.69
C VAL A 312 -19.41 21.38 12.77
N GLN A 313 -20.56 20.84 12.38
CA GLN A 313 -21.44 20.04 13.27
C GLN A 313 -21.48 18.57 12.80
N GLY A 314 -21.46 17.61 13.73
CA GLY A 314 -21.50 16.17 13.42
C GLY A 314 -22.82 15.54 13.80
N TRP A 315 -22.92 14.21 13.66
CA TRP A 315 -23.99 13.37 14.22
C TRP A 315 -23.39 12.55 15.36
N ALA A 316 -23.94 12.64 16.57
CA ALA A 316 -23.72 11.75 17.74
C ALA A 316 -24.78 10.65 17.70
N ILE A 317 -24.36 9.39 17.58
CA ILE A 317 -25.25 8.21 17.35
C ILE A 317 -24.91 7.12 18.36
N VAL A 318 -25.93 6.63 19.09
CA VAL A 318 -25.74 5.47 19.99
C VAL A 318 -26.28 4.24 19.26
N GLN A 319 -25.39 3.28 18.98
CA GLN A 319 -25.74 2.01 18.27
C GLN A 319 -26.11 0.99 19.36
N PHE A 320 -27.38 0.61 19.44
CA PHE A 320 -27.92 -0.38 20.39
C PHE A 320 -27.84 -1.76 19.72
N LEU A 321 -28.03 -2.83 20.50
CA LEU A 321 -28.12 -4.20 19.93
C LEU A 321 -29.10 -4.16 18.75
N GLY A 322 -28.66 -4.71 17.61
CA GLY A 322 -29.47 -4.84 16.38
C GLY A 322 -29.53 -3.58 15.51
N ASP A 323 -28.93 -2.46 15.93
CA ASP A 323 -28.82 -1.23 15.10
C ASP A 323 -27.78 -1.40 13.97
N ALA A 324 -28.19 -1.13 12.73
CA ALA A 324 -27.31 -1.05 11.53
C ALA A 324 -27.00 0.43 11.24
N VAL A 325 -25.72 0.81 11.28
CA VAL A 325 -25.24 2.19 10.97
C VAL A 325 -24.69 2.22 9.55
N PHE A 326 -25.27 3.02 8.67
CA PHE A 326 -24.83 3.27 7.28
C PHE A 326 -23.89 4.49 7.27
N ILE A 327 -22.63 4.26 6.89
CA ILE A 327 -21.56 5.31 6.85
C ILE A 327 -21.26 5.68 5.40
N PRO A 328 -21.53 6.94 5.00
CA PRO A 328 -21.25 7.36 3.63
C PRO A 328 -19.76 7.41 3.32
N ALA A 329 -19.37 7.03 2.09
CA ALA A 329 -17.97 7.19 1.58
C ALA A 329 -17.45 8.60 1.85
N GLY A 330 -16.22 8.70 2.35
CA GLY A 330 -15.56 9.98 2.64
C GLY A 330 -15.91 10.60 3.98
N ALA A 331 -16.88 10.07 4.69
CA ALA A 331 -17.34 10.69 5.97
C ALA A 331 -16.38 10.30 7.10
N PRO A 332 -15.65 11.24 7.73
CA PRO A 332 -14.83 10.95 8.90
C PRO A 332 -15.72 10.46 10.07
N HIS A 333 -15.27 9.39 10.75
CA HIS A 333 -16.02 8.76 11.88
C HIS A 333 -15.10 8.12 12.92
N GLN A 334 -15.63 8.01 14.13
CA GLN A 334 -14.94 7.42 15.30
C GLN A 334 -15.99 6.67 16.12
N VAL A 335 -15.55 5.63 16.85
CA VAL A 335 -16.41 4.71 17.65
C VAL A 335 -15.80 4.58 19.07
N HIS A 336 -16.64 4.60 20.10
CA HIS A 336 -16.33 4.45 21.54
C HIS A 336 -17.31 3.44 22.17
N ASN A 337 -16.86 2.22 22.42
CA ASN A 337 -17.67 1.14 23.02
C ASN A 337 -18.02 1.54 24.47
N LEU A 338 -19.31 1.49 24.80
CA LEU A 338 -19.83 1.82 26.14
C LEU A 338 -19.80 0.52 26.94
N TYR A 339 -20.12 -0.60 26.30
CA TYR A 339 -19.92 -1.98 26.82
C TYR A 339 -19.18 -2.84 25.78
N SER A 340 -18.98 -4.13 26.08
CA SER A 340 -18.28 -5.08 25.18
C SER A 340 -19.15 -5.33 23.96
N CYS A 341 -18.59 -5.22 22.74
CA CYS A 341 -19.36 -5.32 21.49
C CYS A 341 -18.78 -6.30 20.49
N ILE A 342 -19.68 -6.96 19.77
CA ILE A 342 -19.42 -7.66 18.50
C ILE A 342 -20.16 -6.88 17.42
N LYS A 343 -19.42 -6.33 16.46
CA LYS A 343 -19.98 -5.66 15.26
C LYS A 343 -19.51 -6.39 14.00
N VAL A 344 -20.37 -6.52 12.99
CA VAL A 344 -20.01 -7.01 11.64
C VAL A 344 -20.40 -5.97 10.58
N ALA A 345 -19.47 -5.66 9.68
CA ALA A 345 -19.57 -4.58 8.68
C ALA A 345 -19.28 -5.12 7.29
N GLU A 346 -20.09 -4.68 6.30
CA GLU A 346 -19.89 -4.92 4.84
C GLU A 346 -19.65 -3.58 4.12
N ASP A 347 -18.65 -3.55 3.26
CA ASP A 347 -18.33 -2.41 2.37
C ASP A 347 -19.19 -2.54 1.10
N PHE A 348 -19.57 -1.42 0.48
CA PHE A 348 -20.31 -1.41 -0.82
C PHE A 348 -20.04 -0.06 -1.53
N VAL A 349 -20.45 0.04 -2.81
CA VAL A 349 -20.20 1.27 -3.63
C VAL A 349 -21.52 1.74 -4.24
N SER A 350 -22.19 2.66 -3.55
CA SER A 350 -23.47 3.21 -4.04
C SER A 350 -23.18 4.15 -5.20
N PRO A 351 -24.08 4.26 -6.21
CA PRO A 351 -23.89 5.23 -7.27
C PRO A 351 -23.82 6.67 -6.72
N GLU A 352 -24.55 6.95 -5.63
CA GLU A 352 -24.68 8.30 -5.03
C GLU A 352 -23.28 8.82 -4.66
N HIS A 353 -22.30 7.94 -4.35
CA HIS A 353 -21.02 8.32 -3.69
C HIS A 353 -19.79 7.75 -4.42
N VAL A 354 -19.96 7.16 -5.61
CA VAL A 354 -18.86 6.53 -6.38
C VAL A 354 -17.71 7.53 -6.67
N LYS A 355 -17.99 8.82 -6.83
CA LYS A 355 -16.94 9.89 -6.92
C LYS A 355 -15.83 9.67 -5.89
N HIS A 356 -16.12 9.11 -4.70
CA HIS A 356 -15.17 9.13 -3.56
C HIS A 356 -14.06 8.08 -3.77
N CYS A 357 -14.22 7.10 -4.67
CA CYS A 357 -13.23 6.00 -4.89
C CYS A 357 -12.51 6.11 -6.26
N PHE A 358 -12.78 7.19 -7.00
CA PHE A 358 -12.16 7.47 -8.31
C PHE A 358 -10.71 7.95 -8.13
N ARG A 359 -9.79 7.43 -8.96
CA ARG A 359 -8.32 7.64 -8.83
C ARG A 359 -7.80 8.90 -9.59
N LEU A 360 -8.65 9.68 -10.25
CA LEU A 360 -8.21 10.89 -11.02
C LEU A 360 -8.91 12.18 -10.57
N THR A 361 -8.47 13.32 -11.11
CA THR A 361 -8.85 14.73 -10.78
C THR A 361 -9.12 14.87 -9.29
N MET B 23 45.12 6.19 -24.82
CA MET B 23 44.54 7.43 -25.41
C MET B 23 43.00 7.29 -25.48
N THR B 24 42.45 6.08 -25.45
CA THR B 24 40.99 5.83 -25.26
C THR B 24 40.48 6.61 -24.04
N SER B 25 39.59 7.57 -24.27
CA SER B 25 39.03 8.46 -23.22
C SER B 25 38.30 7.61 -22.20
N HIS B 26 38.73 7.67 -20.95
CA HIS B 26 38.14 6.93 -19.82
C HIS B 26 38.48 7.62 -18.51
N SER B 27 37.78 7.26 -17.45
CA SER B 27 38.07 7.70 -16.06
C SER B 27 37.58 6.57 -15.13
N TRP B 28 37.86 6.66 -13.83
CA TRP B 28 37.45 5.63 -12.84
C TRP B 28 36.58 6.34 -11.78
N LEU B 29 35.40 5.82 -11.48
CA LEU B 29 34.51 6.33 -10.39
C LEU B 29 34.41 5.23 -9.33
N CYS B 30 33.52 5.43 -8.34
CA CYS B 30 33.45 4.58 -7.13
C CYS B 30 34.87 4.44 -6.55
N ASP B 31 35.59 5.56 -6.36
CA ASP B 31 36.92 5.57 -5.70
C ASP B 31 37.86 4.58 -6.43
N GLY B 32 37.95 4.66 -7.76
CA GLY B 32 38.92 3.92 -8.60
C GLY B 32 38.47 2.52 -9.07
N ARG B 33 37.30 2.02 -8.67
CA ARG B 33 36.85 0.61 -8.90
C ARG B 33 35.87 0.44 -10.07
N LEU B 34 35.49 1.51 -10.77
CA LEU B 34 34.47 1.43 -11.87
C LEU B 34 35.03 2.15 -13.10
N LEU B 35 35.33 1.38 -14.15
CA LEU B 35 35.71 1.93 -15.46
C LEU B 35 34.54 2.72 -16.05
N CYS B 36 34.77 3.97 -16.45
CA CYS B 36 33.84 4.76 -17.30
C CYS B 36 34.52 5.09 -18.63
N LEU B 37 34.02 4.55 -19.75
CA LEU B 37 34.44 4.86 -21.14
C LEU B 37 33.59 6.00 -21.69
N HIS B 38 34.20 7.04 -22.26
CA HIS B 38 33.50 8.33 -22.58
C HIS B 38 33.16 8.48 -24.06
N ASP B 39 33.70 7.67 -24.96
CA ASP B 39 33.39 7.76 -26.40
C ASP B 39 32.71 6.48 -26.84
N PRO B 40 31.36 6.46 -26.97
CA PRO B 40 30.63 5.22 -27.12
C PRO B 40 30.95 4.48 -28.44
N SER B 41 31.50 5.18 -29.45
CA SER B 41 31.85 4.55 -30.75
C SER B 41 33.37 4.32 -30.92
N ASN B 42 34.22 4.50 -29.91
CA ASN B 42 35.68 4.24 -30.04
C ASN B 42 35.95 2.73 -30.21
N LYS B 43 36.58 2.32 -31.31
CA LYS B 43 36.81 0.88 -31.68
C LYS B 43 37.82 0.21 -30.72
N ASN B 44 38.56 0.98 -29.91
CA ASN B 44 39.52 0.43 -28.89
C ASN B 44 38.88 0.20 -27.51
N ASN B 45 37.56 0.41 -27.34
CA ASN B 45 36.88 0.40 -26.01
C ASN B 45 37.12 -0.95 -25.31
N TRP B 46 37.23 -2.03 -26.08
CA TRP B 46 37.39 -3.41 -25.59
C TRP B 46 38.68 -3.60 -24.75
N LYS B 47 39.72 -2.79 -24.98
CA LYS B 47 41.13 -3.01 -24.46
C LYS B 47 41.15 -2.97 -22.92
N ILE B 48 40.68 -1.87 -22.34
CA ILE B 48 40.59 -1.69 -20.86
C ILE B 48 39.37 -2.45 -20.30
N PHE B 49 38.28 -2.55 -21.06
CA PHE B 49 37.05 -3.32 -20.72
C PHE B 49 37.34 -4.77 -20.31
N ARG B 50 38.16 -5.46 -21.11
CA ARG B 50 38.47 -6.91 -20.99
C ARG B 50 38.75 -7.31 -19.54
N GLU B 51 39.76 -6.72 -18.90
CA GLU B 51 40.22 -7.12 -17.55
C GLU B 51 39.17 -6.77 -16.49
N CYS B 52 38.57 -5.58 -16.51
CA CYS B 52 37.41 -5.25 -15.63
C CYS B 52 36.31 -6.34 -15.73
N TRP B 53 35.92 -6.69 -16.94
CA TRP B 53 34.85 -7.69 -17.19
C TRP B 53 35.29 -9.07 -16.66
N LYS B 54 36.56 -9.45 -16.89
CA LYS B 54 37.10 -10.76 -16.43
C LYS B 54 37.03 -10.84 -14.90
N GLN B 55 37.26 -9.75 -14.19
CA GLN B 55 37.20 -9.71 -12.70
C GLN B 55 35.75 -9.64 -12.18
N GLY B 56 34.73 -9.59 -13.05
CA GLY B 56 33.31 -9.62 -12.66
C GLY B 56 32.76 -8.25 -12.24
N GLN B 57 33.42 -7.17 -12.65
CA GLN B 57 33.01 -5.77 -12.36
C GLN B 57 32.02 -5.30 -13.41
N PRO B 58 31.02 -4.50 -12.99
CA PRO B 58 30.24 -3.71 -13.93
C PRO B 58 31.14 -2.67 -14.60
N VAL B 59 30.69 -2.13 -15.73
CA VAL B 59 31.39 -1.07 -16.51
C VAL B 59 30.32 -0.08 -16.95
N LEU B 60 30.67 1.20 -17.07
CA LEU B 60 29.76 2.27 -17.59
C LEU B 60 30.35 2.90 -18.88
N VAL B 61 29.52 3.14 -19.87
CA VAL B 61 29.88 3.89 -21.11
C VAL B 61 28.92 5.07 -21.21
N SER B 62 29.41 6.30 -21.35
CA SER B 62 28.56 7.51 -21.33
C SER B 62 28.36 7.99 -22.78
N GLY B 63 27.38 8.87 -23.02
CA GLY B 63 27.25 9.58 -24.29
C GLY B 63 26.40 8.88 -25.33
N VAL B 64 25.65 7.83 -24.96
CA VAL B 64 24.89 7.04 -26.01
C VAL B 64 23.74 7.88 -26.58
N HIS B 65 23.12 8.73 -25.75
CA HIS B 65 22.01 9.67 -26.11
C HIS B 65 22.40 10.55 -27.31
N LYS B 66 23.68 10.89 -27.41
CA LYS B 66 24.15 11.77 -28.51
C LYS B 66 24.19 11.00 -29.82
N LYS B 67 24.07 9.68 -29.80
CA LYS B 67 24.06 8.83 -31.02
C LYS B 67 22.64 8.50 -31.49
N LEU B 68 21.62 8.73 -30.67
CA LEU B 68 20.22 8.29 -30.97
C LEU B 68 19.45 9.47 -31.63
N LYS B 69 18.34 9.17 -32.30
CA LYS B 69 17.32 10.18 -32.70
C LYS B 69 16.44 10.51 -31.49
N SER B 70 16.72 11.60 -30.79
CA SER B 70 16.10 11.97 -29.50
C SER B 70 14.56 12.16 -29.60
N GLU B 71 14.02 12.50 -30.77
CA GLU B 71 12.54 12.69 -30.93
C GLU B 71 11.86 11.32 -30.89
N LEU B 72 12.56 10.20 -31.13
CA LEU B 72 11.98 8.82 -31.01
C LEU B 72 11.81 8.42 -29.53
N TRP B 73 12.48 9.08 -28.57
CA TRP B 73 12.54 8.55 -27.17
C TRP B 73 11.88 9.52 -26.18
N LYS B 74 10.79 10.17 -26.55
CA LYS B 74 10.09 11.16 -25.70
C LYS B 74 8.76 10.60 -25.20
N PRO B 75 8.36 10.84 -23.94
CA PRO B 75 7.06 10.40 -23.41
C PRO B 75 5.86 10.76 -24.29
N GLU B 76 5.79 12.01 -24.75
CA GLU B 76 4.69 12.57 -25.60
C GLU B 76 4.52 11.71 -26.86
N ALA B 77 5.61 11.26 -27.48
CA ALA B 77 5.57 10.47 -28.75
C ALA B 77 5.05 9.05 -28.49
N PHE B 78 5.46 8.39 -27.41
CA PHE B 78 4.87 7.08 -26.96
C PHE B 78 3.37 7.24 -26.68
N SER B 79 2.95 8.31 -26.01
CA SER B 79 1.50 8.58 -25.75
C SER B 79 0.74 8.74 -27.07
N GLN B 80 1.19 9.60 -27.98
CA GLN B 80 0.44 9.89 -29.23
C GLN B 80 0.41 8.64 -30.11
N GLU B 81 1.52 7.89 -30.17
CA GLU B 81 1.59 6.73 -31.08
C GLU B 81 0.84 5.54 -30.50
N PHE B 82 0.91 5.28 -29.19
CA PHE B 82 0.48 3.98 -28.61
C PHE B 82 -0.51 4.17 -27.45
N GLY B 83 -1.00 5.39 -27.21
CA GLY B 83 -1.75 5.77 -26.00
C GLY B 83 -3.06 5.01 -25.75
N ASP B 84 -3.67 4.37 -26.76
CA ASP B 84 -5.01 3.75 -26.62
C ASP B 84 -4.89 2.23 -26.40
N GLN B 85 -3.68 1.70 -26.27
CA GLN B 85 -3.49 0.27 -25.88
C GLN B 85 -3.82 0.11 -24.40
N ASP B 86 -4.22 -1.10 -24.02
CA ASP B 86 -4.58 -1.49 -22.63
C ASP B 86 -3.36 -2.17 -22.03
N VAL B 87 -3.18 -1.99 -20.73
CA VAL B 87 -1.88 -2.29 -20.07
C VAL B 87 -2.10 -2.39 -18.55
N ASP B 88 -1.27 -3.17 -17.87
CA ASP B 88 -1.18 -3.25 -16.40
C ASP B 88 -0.05 -2.33 -15.95
N LEU B 89 -0.26 -1.60 -14.86
CA LEU B 89 0.76 -0.83 -14.09
C LEU B 89 1.00 -1.52 -12.73
N VAL B 90 2.14 -1.21 -12.08
CA VAL B 90 2.52 -1.66 -10.71
C VAL B 90 2.73 -0.40 -9.86
N ASN B 91 2.10 -0.38 -8.69
CA ASN B 91 2.35 0.65 -7.63
C ASN B 91 3.68 0.27 -6.95
N CYS B 92 4.72 1.10 -7.08
CA CYS B 92 6.08 0.73 -6.61
C CYS B 92 6.16 0.69 -5.06
N ARG B 93 5.30 1.45 -4.35
CA ARG B 93 5.29 1.51 -2.86
C ARG B 93 4.74 0.22 -2.24
N ASN B 94 3.74 -0.45 -2.85
CA ASN B 94 3.09 -1.63 -2.22
C ASN B 94 3.06 -2.86 -3.14
N CYS B 95 3.59 -2.79 -4.37
CA CYS B 95 3.63 -3.88 -5.36
C CYS B 95 2.23 -4.27 -5.87
N ALA B 96 1.18 -3.47 -5.63
CA ALA B 96 -0.18 -3.76 -6.15
C ALA B 96 -0.22 -3.54 -7.69
N ILE B 97 -0.96 -4.38 -8.41
CA ILE B 97 -1.21 -4.28 -9.87
C ILE B 97 -2.44 -3.42 -10.13
N ILE B 98 -2.32 -2.34 -10.90
CA ILE B 98 -3.47 -1.61 -11.49
C ILE B 98 -3.72 -2.18 -12.90
N SER B 99 -4.82 -2.93 -13.06
CA SER B 99 -5.05 -3.83 -14.21
C SER B 99 -5.93 -3.13 -15.26
N ASP B 100 -5.51 -3.27 -16.51
CA ASP B 100 -6.35 -2.92 -17.67
C ASP B 100 -6.67 -1.42 -17.68
N VAL B 101 -5.66 -0.58 -17.63
CA VAL B 101 -5.82 0.88 -17.90
C VAL B 101 -5.21 1.21 -19.27
N LYS B 102 -5.11 2.49 -19.62
CA LYS B 102 -4.62 2.95 -20.94
C LYS B 102 -3.17 3.42 -20.82
N VAL B 103 -2.33 3.01 -21.77
CA VAL B 103 -0.91 3.47 -21.89
C VAL B 103 -0.83 4.98 -21.70
N ARG B 104 -1.77 5.76 -22.26
CA ARG B 104 -1.75 7.26 -22.18
C ARG B 104 -1.92 7.75 -20.73
N ASP B 105 -2.55 6.95 -19.85
CA ASP B 105 -2.77 7.33 -18.42
C ASP B 105 -1.47 7.16 -17.64
N PHE B 106 -0.52 6.34 -18.13
CA PHE B 106 0.87 6.27 -17.61
C PHE B 106 1.68 7.48 -18.10
N TRP B 107 1.82 7.66 -19.42
CA TRP B 107 2.73 8.68 -20.03
C TRP B 107 2.28 10.11 -19.72
N ASP B 108 0.98 10.38 -19.62
CA ASP B 108 0.50 11.77 -19.46
C ASP B 108 0.86 12.27 -18.05
N GLY B 109 1.08 11.34 -17.09
CA GLY B 109 1.58 11.65 -15.74
C GLY B 109 3.11 11.57 -15.57
N PHE B 110 3.87 11.20 -16.61
CA PHE B 110 5.33 10.93 -16.51
C PHE B 110 6.05 12.10 -15.82
N GLU B 111 5.81 13.34 -16.25
CA GLU B 111 6.43 14.57 -15.68
C GLU B 111 5.42 15.52 -15.05
N ILE B 112 4.10 15.36 -15.25
CA ILE B 112 3.06 16.21 -14.58
C ILE B 112 2.43 15.42 -13.42
N ILE B 113 2.82 15.74 -12.19
CA ILE B 113 2.45 14.94 -10.98
C ILE B 113 0.93 15.02 -10.71
N CYS B 114 0.28 16.13 -11.04
CA CYS B 114 -1.17 16.34 -10.77
C CYS B 114 -2.00 15.47 -11.72
N LYS B 115 -1.44 14.95 -12.82
CA LYS B 115 -2.17 14.10 -13.81
C LYS B 115 -2.09 12.63 -13.41
N ARG B 116 -1.44 12.27 -12.31
CA ARG B 116 -1.20 10.84 -12.02
C ARG B 116 -2.41 10.19 -11.35
N LEU B 117 -2.63 8.90 -11.63
CA LEU B 117 -3.54 8.01 -10.87
C LEU B 117 -3.17 8.02 -9.38
N ARG B 118 -4.16 7.99 -8.50
CA ARG B 118 -3.94 8.14 -7.04
C ARG B 118 -4.32 6.87 -6.30
N SER B 119 -3.71 6.69 -5.13
CA SER B 119 -3.96 5.57 -4.20
C SER B 119 -5.10 5.95 -3.24
N GLU B 120 -5.55 5.00 -2.44
CA GLU B 120 -6.65 5.11 -1.43
C GLU B 120 -6.53 6.42 -0.64
N ASP B 121 -5.29 6.87 -0.43
CA ASP B 121 -4.93 7.93 0.55
C ASP B 121 -5.01 9.29 -0.15
N GLY B 122 -5.38 9.34 -1.43
CA GLY B 122 -5.42 10.60 -2.21
C GLY B 122 -4.05 11.05 -2.77
N GLN B 123 -2.96 10.32 -2.53
CA GLN B 123 -1.61 10.72 -3.03
C GLN B 123 -1.42 10.21 -4.46
N PRO B 124 -0.69 10.97 -5.31
CA PRO B 124 -0.26 10.49 -6.61
C PRO B 124 0.64 9.25 -6.44
N MET B 125 0.42 8.23 -7.23
CA MET B 125 1.17 6.97 -7.13
C MET B 125 2.52 7.11 -7.88
N VAL B 126 3.53 6.42 -7.37
CA VAL B 126 4.78 6.11 -8.13
C VAL B 126 4.53 4.79 -8.88
N LEU B 127 4.41 4.85 -10.21
CA LEU B 127 4.01 3.70 -11.04
C LEU B 127 5.13 3.22 -11.97
N LYS B 128 5.13 1.93 -12.28
CA LYS B 128 5.97 1.36 -13.36
C LYS B 128 5.06 0.65 -14.35
N LEU B 129 5.31 0.90 -15.63
CA LEU B 129 4.61 0.22 -16.74
C LEU B 129 5.14 -1.21 -16.78
N LYS B 130 4.24 -2.19 -16.70
CA LYS B 130 4.59 -3.63 -16.65
C LYS B 130 4.50 -4.26 -18.05
N ASP B 131 5.56 -4.98 -18.43
CA ASP B 131 5.68 -5.82 -19.66
C ASP B 131 5.19 -5.05 -20.90
N TRP B 132 5.88 -3.99 -21.30
CA TRP B 132 5.45 -3.15 -22.44
C TRP B 132 6.65 -2.61 -23.21
N PRO B 133 6.69 -2.78 -24.56
CA PRO B 133 5.76 -3.64 -25.29
C PRO B 133 5.72 -5.07 -24.72
N PRO B 134 4.60 -5.81 -24.89
CA PRO B 134 4.48 -7.17 -24.34
C PRO B 134 5.39 -8.22 -24.99
N GLY B 135 5.85 -9.17 -24.17
CA GLY B 135 6.70 -10.30 -24.57
C GLY B 135 7.88 -9.83 -25.40
N GLU B 136 7.93 -10.27 -26.66
CA GLU B 136 9.04 -9.97 -27.60
C GLU B 136 8.52 -9.05 -28.72
N ASP B 137 7.51 -8.23 -28.44
CA ASP B 137 6.83 -7.39 -29.47
C ASP B 137 7.60 -6.11 -29.80
N PHE B 138 8.71 -5.81 -29.11
CA PHE B 138 9.44 -4.53 -29.25
C PHE B 138 9.78 -4.32 -30.74
N ARG B 139 10.27 -5.36 -31.42
CA ARG B 139 10.75 -5.26 -32.82
C ARG B 139 9.59 -4.97 -33.78
N ASP B 140 8.46 -5.67 -33.64
CA ASP B 140 7.27 -5.50 -34.51
C ASP B 140 6.52 -4.21 -34.15
N MET B 141 6.43 -3.86 -32.87
CA MET B 141 5.58 -2.70 -32.46
C MET B 141 6.32 -1.40 -32.77
N MET B 142 7.64 -1.37 -32.56
CA MET B 142 8.50 -0.16 -32.62
C MET B 142 9.73 -0.40 -33.50
N PRO B 143 9.57 -0.74 -34.80
CA PRO B 143 10.73 -1.06 -35.65
C PRO B 143 11.78 0.05 -35.82
N THR B 144 11.39 1.33 -35.85
CA THR B 144 12.34 2.47 -35.97
C THR B 144 13.13 2.65 -34.65
N ARG B 145 12.49 2.54 -33.47
CA ARG B 145 13.17 2.53 -32.14
C ARG B 145 14.19 1.37 -32.04
N PHE B 146 13.82 0.17 -32.47
CA PHE B 146 14.69 -1.05 -32.42
C PHE B 146 15.97 -0.78 -33.22
N GLU B 147 15.83 -0.32 -34.46
CA GLU B 147 16.96 0.01 -35.38
C GLU B 147 17.85 1.10 -34.77
N ASP B 148 17.25 2.14 -34.19
CA ASP B 148 18.00 3.29 -33.59
C ASP B 148 18.84 2.82 -32.38
N LEU B 149 18.27 2.04 -31.46
CA LEU B 149 19.03 1.45 -30.34
C LEU B 149 20.12 0.48 -30.82
N MET B 150 19.78 -0.55 -31.61
CA MET B 150 20.71 -1.68 -31.92
C MET B 150 21.88 -1.21 -32.78
N GLU B 151 21.67 -0.26 -33.69
CA GLU B 151 22.75 0.31 -34.54
C GLU B 151 23.72 1.06 -33.63
N ASN B 152 23.34 1.49 -32.43
CA ASN B 152 24.13 2.46 -31.62
C ASN B 152 24.51 1.88 -30.23
N LEU B 153 24.30 0.58 -29.99
CA LEU B 153 24.77 -0.09 -28.76
C LEU B 153 26.30 -0.06 -28.68
N PRO B 154 26.88 0.37 -27.53
CA PRO B 154 28.33 0.31 -27.33
C PRO B 154 28.84 -1.12 -27.13
N LEU B 155 30.16 -1.32 -27.22
CA LEU B 155 30.84 -2.65 -27.30
C LEU B 155 30.08 -3.60 -28.21
N PRO B 156 29.83 -3.17 -29.47
CA PRO B 156 28.96 -3.90 -30.40
C PRO B 156 29.38 -5.36 -30.68
N GLU B 157 30.68 -5.65 -30.62
CA GLU B 157 31.28 -7.01 -30.77
C GLU B 157 30.71 -7.94 -29.71
N TYR B 158 30.37 -7.38 -28.55
CA TYR B 158 29.81 -8.09 -27.38
C TYR B 158 28.28 -8.05 -27.41
N THR B 159 27.68 -6.92 -27.81
CA THR B 159 26.25 -6.63 -27.51
C THR B 159 25.30 -6.87 -28.70
N LYS B 160 25.73 -6.80 -29.96
CA LYS B 160 24.83 -7.08 -31.13
C LYS B 160 24.71 -8.59 -31.37
N ARG B 161 23.63 -9.03 -32.02
N ARG B 161 23.64 -9.01 -32.03
CA ARG B 161 23.32 -10.47 -32.26
CA ARG B 161 23.28 -10.44 -32.29
C ARG B 161 24.46 -11.13 -33.05
C ARG B 161 24.40 -11.13 -33.08
N ASP B 162 24.99 -10.44 -34.06
CA ASP B 162 26.05 -10.97 -34.96
C ASP B 162 27.42 -10.44 -34.54
N GLY B 163 27.55 -9.91 -33.33
CA GLY B 163 28.84 -9.54 -32.70
C GLY B 163 29.84 -10.70 -32.67
N ARG B 164 31.09 -10.42 -33.01
CA ARG B 164 32.19 -11.41 -33.05
C ARG B 164 32.23 -12.18 -31.72
N LEU B 165 32.01 -11.50 -30.59
CA LEU B 165 32.22 -12.10 -29.24
C LEU B 165 30.90 -12.29 -28.51
N ASN B 166 29.74 -12.16 -29.15
CA ASN B 166 28.43 -12.53 -28.55
C ASN B 166 28.14 -13.97 -28.95
N LEU B 167 27.90 -14.86 -27.97
CA LEU B 167 27.71 -16.31 -28.16
C LEU B 167 26.23 -16.72 -28.16
N ALA B 168 25.31 -15.76 -27.95
CA ALA B 168 23.88 -16.05 -27.63
C ALA B 168 23.22 -16.81 -28.79
N SER B 169 23.50 -16.44 -30.04
CA SER B 169 22.88 -17.11 -31.22
C SER B 169 23.52 -18.47 -31.51
N ARG B 170 24.70 -18.78 -30.99
CA ARG B 170 25.42 -20.04 -31.32
C ARG B 170 25.19 -21.11 -30.25
N LEU B 171 24.98 -20.74 -28.97
CA LEU B 171 24.97 -21.72 -27.86
C LEU B 171 23.62 -22.43 -27.68
N PRO B 172 23.65 -23.72 -27.30
CA PRO B 172 22.43 -24.45 -26.93
C PRO B 172 21.68 -23.86 -25.72
N SER B 173 20.46 -24.35 -25.51
CA SER B 173 19.48 -23.76 -24.55
C SER B 173 19.96 -23.93 -23.10
N TYR B 174 20.92 -24.81 -22.86
CA TYR B 174 21.46 -25.06 -21.49
C TYR B 174 22.47 -23.97 -21.12
N PHE B 175 22.74 -22.99 -22.00
CA PHE B 175 23.55 -21.78 -21.66
C PHE B 175 22.70 -20.50 -21.66
N VAL B 176 21.63 -20.42 -22.48
CA VAL B 176 20.96 -19.13 -22.83
C VAL B 176 19.58 -19.38 -23.46
N ARG B 177 18.57 -18.56 -23.09
CA ARG B 177 17.22 -18.57 -23.73
C ARG B 177 17.40 -18.24 -25.22
N PRO B 178 16.59 -18.79 -26.14
CA PRO B 178 16.69 -18.43 -27.57
C PRO B 178 16.13 -17.04 -27.98
N ASP B 179 16.66 -16.48 -29.06
CA ASP B 179 16.14 -15.26 -29.72
C ASP B 179 16.00 -14.10 -28.71
N LEU B 180 17.12 -13.53 -28.26
CA LEU B 180 17.12 -12.37 -27.35
C LEU B 180 16.78 -11.12 -28.16
N GLY B 181 15.92 -10.26 -27.61
CA GLY B 181 15.56 -8.94 -28.15
C GLY B 181 15.46 -7.96 -27.00
N PRO B 182 15.49 -6.64 -27.27
CA PRO B 182 15.49 -5.63 -26.21
C PRO B 182 14.16 -5.57 -25.44
N LYS B 183 14.25 -5.07 -24.21
CA LYS B 183 13.14 -4.83 -23.26
C LYS B 183 13.24 -3.37 -22.80
N MET B 184 12.10 -2.71 -22.70
CA MET B 184 12.00 -1.27 -22.31
C MET B 184 11.55 -1.22 -20.85
N TYR B 185 12.19 -0.42 -20.00
CA TYR B 185 11.84 -0.26 -18.55
C TYR B 185 11.40 1.19 -18.29
N ASN B 186 10.12 1.39 -17.97
CA ASN B 186 9.45 2.70 -17.85
C ASN B 186 8.85 2.85 -16.45
N ALA B 187 9.26 3.85 -15.68
CA ALA B 187 8.69 4.05 -14.33
C ALA B 187 8.94 5.48 -13.84
N TYR B 188 8.02 6.00 -13.02
CA TYR B 188 8.14 7.31 -12.36
C TYR B 188 9.31 7.28 -11.37
N GLY B 189 9.77 8.46 -10.98
CA GLY B 189 10.77 8.66 -9.91
C GLY B 189 10.17 8.50 -8.53
N LEU B 190 10.94 7.93 -7.60
CA LEU B 190 10.55 7.90 -6.15
C LEU B 190 10.78 9.30 -5.55
N ILE B 191 9.98 9.71 -4.56
CA ILE B 191 9.75 11.16 -4.21
C ILE B 191 10.04 11.44 -2.72
N THR B 192 9.33 10.77 -1.80
CA THR B 192 9.29 11.05 -0.34
C THR B 192 10.52 10.47 0.40
N ALA B 193 10.67 10.81 1.68
CA ALA B 193 11.67 10.21 2.59
C ALA B 193 11.38 8.72 2.81
N GLU B 194 10.12 8.33 2.97
CA GLU B 194 9.73 6.91 3.13
C GLU B 194 10.08 6.12 1.85
N ASP B 195 10.08 6.78 0.68
CA ASP B 195 10.39 6.15 -0.63
C ASP B 195 11.87 5.72 -0.69
N ARG B 196 12.77 6.40 0.04
CA ARG B 196 14.22 6.09 0.03
C ARG B 196 14.47 4.59 0.25
N ARG B 197 13.64 3.89 1.01
CA ARG B 197 13.78 2.45 1.35
C ARG B 197 13.08 1.56 0.30
N VAL B 198 12.54 2.14 -0.78
CA VAL B 198 11.76 1.39 -1.83
C VAL B 198 12.61 1.30 -3.10
N GLY B 199 12.57 0.13 -3.75
CA GLY B 199 13.15 -0.09 -5.10
C GLY B 199 12.16 0.19 -6.21
N THR B 200 12.63 0.74 -7.34
CA THR B 200 11.95 0.62 -8.65
C THR B 200 12.03 -0.84 -9.10
N THR B 201 13.24 -1.42 -9.12
CA THR B 201 13.44 -2.86 -9.37
C THR B 201 14.12 -3.45 -8.14
N ASN B 202 13.51 -4.45 -7.51
CA ASN B 202 14.07 -5.03 -6.25
C ASN B 202 15.26 -5.91 -6.61
N LEU B 203 16.03 -6.26 -5.59
CA LEU B 203 17.32 -6.97 -5.70
C LEU B 203 17.04 -8.30 -6.40
N HIS B 204 17.79 -8.57 -7.48
CA HIS B 204 17.67 -9.85 -8.22
C HIS B 204 18.99 -10.11 -8.98
N LEU B 205 19.11 -11.28 -9.61
CA LEU B 205 20.14 -11.53 -10.65
C LEU B 205 19.47 -11.99 -11.95
N ASP B 206 20.22 -11.90 -13.05
CA ASP B 206 19.85 -12.35 -14.42
C ASP B 206 20.84 -13.44 -14.83
N VAL B 207 20.37 -14.41 -15.62
CA VAL B 207 21.15 -15.63 -15.99
C VAL B 207 22.04 -15.34 -17.20
N SER B 208 21.92 -14.17 -17.84
CA SER B 208 22.83 -13.76 -18.96
C SER B 208 23.50 -12.45 -18.59
N ASP B 209 24.56 -12.08 -19.32
CA ASP B 209 25.09 -10.69 -19.36
C ASP B 209 23.98 -9.75 -19.91
N ALA B 210 24.08 -8.44 -19.62
CA ALA B 210 23.16 -7.37 -20.06
C ALA B 210 23.86 -6.00 -20.11
N VAL B 211 23.41 -5.15 -21.00
CA VAL B 211 23.69 -3.69 -21.06
C VAL B 211 22.32 -2.99 -20.92
N ASN B 212 22.23 -1.99 -20.06
CA ASN B 212 21.01 -1.16 -19.80
C ASN B 212 21.31 0.30 -20.16
N VAL B 213 20.60 0.90 -21.14
CA VAL B 213 20.85 2.29 -21.65
C VAL B 213 19.77 3.25 -21.14
N MET B 214 20.16 4.36 -20.51
CA MET B 214 19.19 5.42 -20.10
C MET B 214 18.91 6.30 -21.34
N VAL B 215 17.72 6.19 -21.94
CA VAL B 215 17.42 6.94 -23.20
C VAL B 215 16.63 8.24 -22.91
N TYR B 216 16.05 8.44 -21.73
CA TYR B 216 15.31 9.68 -21.40
C TYR B 216 15.15 9.84 -19.90
N VAL B 217 15.34 11.06 -19.39
CA VAL B 217 15.10 11.38 -17.96
C VAL B 217 14.16 12.58 -17.91
N GLY B 218 12.99 12.40 -17.29
CA GLY B 218 11.94 13.42 -17.17
C GLY B 218 11.94 14.03 -15.78
N ILE B 219 12.28 15.31 -15.69
CA ILE B 219 12.32 16.06 -14.41
C ILE B 219 11.06 16.91 -14.29
N PRO B 220 10.11 16.59 -13.37
CA PRO B 220 8.97 17.47 -13.08
C PRO B 220 9.40 18.79 -12.41
N ILE B 221 8.64 19.89 -12.62
CA ILE B 221 8.87 21.22 -11.97
C ILE B 221 7.96 21.34 -10.73
N ALA B 225 11.20 21.80 -8.57
CA ALA B 225 12.58 21.28 -8.46
C ALA B 225 12.83 20.79 -7.03
N HIS B 226 12.32 19.60 -6.68
CA HIS B 226 12.47 18.96 -5.34
C HIS B 226 13.84 18.27 -5.29
N ASP B 227 14.89 18.99 -5.75
CA ASP B 227 16.30 18.52 -5.82
C ASP B 227 16.84 18.22 -4.41
N GLU B 228 15.97 18.12 -3.39
CA GLU B 228 16.32 18.13 -1.95
C GLU B 228 16.44 16.69 -1.45
N GLU B 229 15.33 15.95 -1.50
CA GLU B 229 15.27 14.51 -1.13
C GLU B 229 16.17 13.70 -2.08
N VAL B 230 16.41 14.22 -3.28
CA VAL B 230 17.25 13.54 -4.33
C VAL B 230 18.73 13.57 -3.89
N LEU B 231 19.31 14.73 -3.55
CA LEU B 231 20.73 14.85 -3.09
C LEU B 231 20.91 14.06 -1.77
N LYS B 232 19.92 14.12 -0.86
CA LYS B 232 19.99 13.37 0.41
C LYS B 232 20.00 11.87 0.07
N THR B 233 19.26 11.42 -0.95
CA THR B 233 19.16 9.97 -1.33
C THR B 233 20.48 9.53 -2.00
N ILE B 234 21.08 10.42 -2.80
CA ILE B 234 22.36 10.21 -3.54
C ILE B 234 23.44 9.93 -2.49
N ASP B 235 23.38 10.72 -1.41
CA ASP B 235 24.42 10.80 -0.34
C ASP B 235 24.38 9.53 0.53
N GLU B 236 23.29 9.33 1.26
CA GLU B 236 22.91 8.09 1.99
C GLU B 236 23.11 6.86 1.08
N GLY B 237 22.88 7.02 -0.24
CA GLY B 237 23.07 5.99 -1.28
C GLY B 237 24.51 5.52 -1.41
N ASP B 238 25.47 6.31 -0.90
CA ASP B 238 26.92 5.98 -0.74
C ASP B 238 27.62 6.26 -2.08
N ALA B 239 27.15 7.23 -2.85
CA ALA B 239 27.78 7.64 -4.14
C ALA B 239 29.08 8.38 -3.84
N ASP B 240 30.05 8.29 -4.74
CA ASP B 240 31.40 8.90 -4.59
C ASP B 240 31.26 10.42 -4.71
N GLU B 241 32.33 11.16 -4.38
CA GLU B 241 32.30 12.63 -4.22
C GLU B 241 32.25 13.31 -5.59
N VAL B 242 32.84 12.71 -6.62
CA VAL B 242 32.86 13.26 -8.01
C VAL B 242 31.41 13.30 -8.51
N THR B 243 30.68 12.20 -8.32
CA THR B 243 29.26 11.98 -8.72
C THR B 243 28.37 13.04 -8.06
N LYS B 244 28.53 13.23 -6.74
CA LYS B 244 27.75 14.18 -5.92
C LYS B 244 28.00 15.60 -6.39
N GLU B 245 29.26 16.01 -6.44
CA GLU B 245 29.64 17.38 -6.87
C GLU B 245 29.12 17.53 -8.30
N ARG B 246 29.21 16.47 -9.10
CA ARG B 246 28.84 16.47 -10.53
C ARG B 246 27.36 16.86 -10.73
N ILE B 247 26.49 16.59 -9.76
CA ILE B 247 25.04 16.93 -9.90
C ILE B 247 24.82 18.43 -9.61
N HIS B 248 25.89 19.25 -9.66
CA HIS B 248 25.83 20.73 -9.82
C HIS B 248 27.23 21.29 -10.19
N ASP B 249 27.91 20.66 -11.17
CA ASP B 249 29.21 21.11 -11.76
C ASP B 249 28.99 21.32 -13.27
N HIS B 250 28.24 20.41 -13.89
CA HIS B 250 27.41 20.63 -15.10
C HIS B 250 25.95 20.79 -14.61
N LYS B 251 24.96 20.62 -15.49
CA LYS B 251 23.55 20.27 -15.14
C LYS B 251 23.12 19.06 -15.98
N GLU B 252 23.78 17.91 -15.80
CA GLU B 252 23.36 16.63 -16.42
C GLU B 252 22.11 16.18 -15.67
N LYS B 253 21.41 15.22 -16.25
CA LYS B 253 20.13 14.68 -15.73
C LYS B 253 20.38 13.31 -15.12
N PRO B 254 20.45 13.20 -13.78
CA PRO B 254 20.56 11.89 -13.11
C PRO B 254 19.22 11.14 -13.11
N GLY B 255 19.24 9.86 -13.48
CA GLY B 255 18.03 9.04 -13.71
C GLY B 255 17.81 8.07 -12.57
N ALA B 256 18.80 7.25 -12.26
CA ALA B 256 18.61 6.11 -11.35
C ALA B 256 19.88 5.85 -10.51
N LEU B 257 19.67 5.38 -9.29
CA LEU B 257 20.74 4.91 -8.38
C LEU B 257 20.68 3.38 -8.38
N TRP B 258 21.77 2.76 -8.84
CA TRP B 258 21.99 1.30 -8.83
C TRP B 258 22.85 0.94 -7.61
N HIS B 259 22.59 -0.22 -6.99
CA HIS B 259 23.59 -0.97 -6.21
C HIS B 259 23.86 -2.30 -6.92
N ILE B 260 25.11 -2.59 -7.27
CA ILE B 260 25.49 -3.85 -7.94
C ILE B 260 26.51 -4.62 -7.06
N TYR B 261 26.33 -5.92 -6.90
CA TYR B 261 27.30 -6.82 -6.17
C TYR B 261 27.90 -7.86 -7.13
N ALA B 262 29.13 -8.30 -6.84
CA ALA B 262 29.87 -9.35 -7.58
C ALA B 262 29.09 -10.68 -7.52
N ALA B 263 29.04 -11.42 -8.63
CA ALA B 263 28.40 -12.75 -8.69
C ALA B 263 28.91 -13.66 -7.56
N LYS B 264 30.18 -13.53 -7.16
CA LYS B 264 30.77 -14.41 -6.10
C LYS B 264 30.23 -14.08 -4.70
N ASP B 265 29.59 -12.92 -4.50
CA ASP B 265 29.06 -12.49 -3.17
C ASP B 265 27.57 -12.81 -3.03
N ALA B 266 26.95 -13.53 -3.98
CA ALA B 266 25.48 -13.75 -3.97
C ALA B 266 25.09 -14.55 -2.73
N GLU B 267 25.87 -15.56 -2.35
CA GLU B 267 25.45 -16.56 -1.33
C GLU B 267 25.55 -15.92 0.04
N LYS B 268 26.61 -15.13 0.27
CA LYS B 268 26.74 -14.28 1.46
C LYS B 268 25.51 -13.37 1.58
N ILE B 269 24.95 -12.87 0.47
CA ILE B 269 23.78 -11.93 0.50
C ILE B 269 22.56 -12.76 0.89
N ARG B 270 22.47 -13.99 0.38
CA ARG B 270 21.38 -14.94 0.71
C ARG B 270 21.41 -15.24 2.22
N GLU B 271 22.60 -15.40 2.81
CA GLU B 271 22.75 -15.71 4.27
C GLU B 271 22.08 -14.58 5.06
N LEU B 272 22.51 -13.32 4.82
CA LEU B 272 22.04 -12.11 5.52
C LEU B 272 20.52 -12.00 5.45
N LEU B 273 19.94 -12.15 4.26
CA LEU B 273 18.48 -11.94 4.05
C LEU B 273 17.67 -13.16 4.55
N ARG B 274 18.26 -14.36 4.66
CA ARG B 274 17.61 -15.47 5.41
C ARG B 274 17.48 -15.06 6.89
N LYS B 275 18.57 -14.58 7.49
CA LYS B 275 18.67 -14.17 8.92
C LYS B 275 17.66 -13.06 9.17
N VAL B 276 17.76 -11.95 8.44
CA VAL B 276 16.91 -10.74 8.62
C VAL B 276 15.43 -11.12 8.50
N GLY B 277 15.06 -11.94 7.53
CA GLY B 277 13.67 -12.42 7.36
C GLY B 277 13.21 -13.20 8.58
N GLU B 278 14.10 -14.00 9.19
CA GLU B 278 13.86 -14.76 10.44
C GLU B 278 13.41 -13.76 11.51
N GLU B 279 14.15 -12.65 11.60
CA GLU B 279 14.00 -11.56 12.60
C GLU B 279 12.72 -10.73 12.39
N GLN B 280 12.09 -10.86 11.22
CA GLN B 280 10.86 -10.12 10.83
C GLN B 280 9.66 -11.08 10.85
N GLY B 281 9.85 -12.30 11.34
CA GLY B 281 8.77 -13.29 11.52
C GLY B 281 8.77 -14.35 10.43
N GLN B 282 8.86 -13.94 9.16
CA GLN B 282 8.93 -14.85 8.00
C GLN B 282 9.44 -16.22 8.46
N GLU B 283 8.72 -17.30 8.14
CA GLU B 283 9.17 -18.69 8.36
C GLU B 283 9.42 -19.33 6.99
N ASN B 284 10.70 -19.51 6.64
CA ASN B 284 11.15 -20.05 5.32
C ASN B 284 12.07 -21.23 5.56
N PRO B 285 12.10 -22.23 4.64
CA PRO B 285 13.11 -23.29 4.68
C PRO B 285 14.55 -22.79 4.68
N PRO B 286 15.53 -23.60 5.12
CA PRO B 286 16.94 -23.23 5.00
C PRO B 286 17.45 -23.12 3.55
N ASP B 287 16.75 -23.76 2.59
CA ASP B 287 17.10 -23.82 1.15
C ASP B 287 16.60 -22.56 0.42
N HIS B 288 15.74 -21.79 1.07
CA HIS B 288 14.95 -20.68 0.47
C HIS B 288 15.88 -19.57 -0.08
N ASP B 289 15.51 -19.00 -1.23
CA ASP B 289 16.40 -18.09 -2.01
C ASP B 289 15.78 -16.70 -2.09
N PRO B 290 16.24 -15.74 -1.25
CA PRO B 290 15.67 -14.39 -1.23
C PRO B 290 16.03 -13.49 -2.43
N ILE B 291 17.14 -13.77 -3.12
CA ILE B 291 17.50 -13.13 -4.41
C ILE B 291 16.47 -13.60 -5.44
N HIS B 292 16.29 -14.91 -5.59
CA HIS B 292 15.28 -15.48 -6.52
C HIS B 292 13.89 -14.88 -6.21
N ASP B 293 13.57 -14.61 -4.94
CA ASP B 293 12.23 -14.10 -4.55
C ASP B 293 11.97 -12.67 -5.03
N GLN B 294 13.01 -11.84 -5.28
CA GLN B 294 12.88 -10.45 -5.80
C GLN B 294 11.99 -9.62 -4.86
N SER B 295 12.04 -9.90 -3.57
CA SER B 295 11.13 -9.31 -2.56
C SER B 295 11.89 -8.26 -1.72
N TRP B 296 13.21 -8.09 -1.87
CA TRP B 296 14.07 -7.24 -1.00
C TRP B 296 14.62 -5.98 -1.70
N TYR B 297 14.68 -4.85 -1.00
CA TYR B 297 15.54 -3.71 -1.40
C TYR B 297 16.52 -3.42 -0.27
N LEU B 298 17.82 -3.38 -0.56
CA LEU B 298 18.86 -3.13 0.48
C LEU B 298 18.95 -1.62 0.74
N ASP B 299 18.33 -1.20 1.85
CA ASP B 299 18.33 0.20 2.35
C ASP B 299 19.68 0.47 3.04
N GLN B 300 19.90 1.67 3.59
CA GLN B 300 21.19 1.98 4.27
C GLN B 300 21.48 0.95 5.35
N THR B 301 20.52 0.69 6.25
CA THR B 301 20.67 -0.25 7.39
C THR B 301 21.21 -1.58 6.87
N LEU B 302 20.52 -2.17 5.90
CA LEU B 302 20.86 -3.51 5.36
C LEU B 302 22.22 -3.49 4.65
N ARG B 303 22.54 -2.42 3.90
CA ARG B 303 23.83 -2.33 3.14
C ARG B 303 25.00 -2.31 4.13
N LYS B 304 24.90 -1.47 5.16
CA LYS B 304 25.97 -1.33 6.19
C LYS B 304 26.13 -2.65 6.93
N ARG B 305 25.02 -3.26 7.33
CA ARG B 305 25.01 -4.57 8.05
C ARG B 305 25.66 -5.65 7.15
N LEU B 306 25.50 -5.55 5.82
CA LEU B 306 26.08 -6.51 4.83
C LEU B 306 27.59 -6.32 4.80
N TYR B 307 28.07 -5.08 4.81
CA TYR B 307 29.52 -4.78 4.81
C TYR B 307 30.15 -5.34 6.10
N GLU B 308 29.59 -4.92 7.25
N GLU B 308 29.60 -4.93 7.26
CA GLU B 308 30.09 -5.23 8.62
CA GLU B 308 30.14 -5.25 8.60
C GLU B 308 30.14 -6.75 8.80
C GLU B 308 30.15 -6.77 8.80
N GLU B 309 28.98 -7.41 8.82
CA GLU B 309 28.86 -8.85 9.19
C GLU B 309 29.47 -9.79 8.13
N TYR B 310 29.60 -9.42 6.85
CA TYR B 310 30.03 -10.38 5.79
C TYR B 310 31.16 -9.85 4.90
N GLY B 311 31.54 -8.57 4.99
CA GLY B 311 32.67 -7.98 4.21
C GLY B 311 32.30 -7.56 2.78
N VAL B 312 31.01 -7.57 2.43
CA VAL B 312 30.54 -7.36 1.02
C VAL B 312 30.20 -5.88 0.81
N GLN B 313 30.89 -5.24 -0.14
CA GLN B 313 30.87 -3.77 -0.36
C GLN B 313 29.83 -3.39 -1.44
N GLY B 314 29.95 -3.90 -2.67
CA GLY B 314 29.07 -3.53 -3.81
C GLY B 314 29.45 -2.21 -4.48
N TRP B 315 28.88 -1.90 -5.64
CA TRP B 315 29.12 -0.62 -6.35
C TRP B 315 27.84 0.24 -6.30
N ALA B 316 27.90 1.48 -5.84
CA ALA B 316 26.82 2.49 -5.94
C ALA B 316 27.04 3.35 -7.19
N ILE B 317 26.13 3.26 -8.16
CA ILE B 317 26.23 3.87 -9.52
C ILE B 317 25.00 4.77 -9.76
N VAL B 318 25.22 6.03 -10.13
CA VAL B 318 24.16 6.93 -10.67
C VAL B 318 24.27 6.87 -12.19
N GLN B 319 23.20 6.40 -12.84
CA GLN B 319 23.05 6.34 -14.32
C GLN B 319 22.36 7.63 -14.75
N PHE B 320 23.06 8.52 -15.47
CA PHE B 320 22.54 9.77 -16.07
C PHE B 320 22.06 9.49 -17.49
N LEU B 321 21.37 10.44 -18.12
CA LEU B 321 20.95 10.35 -19.54
C LEU B 321 22.13 9.88 -20.41
N GLY B 322 21.92 8.84 -21.20
CA GLY B 322 22.91 8.32 -22.18
C GLY B 322 23.93 7.36 -21.55
N ASP B 323 23.85 7.06 -20.26
CA ASP B 323 24.76 6.08 -19.64
C ASP B 323 24.26 4.64 -19.88
N ALA B 324 25.15 3.80 -20.41
CA ALA B 324 24.95 2.34 -20.52
C ALA B 324 25.70 1.64 -19.39
N VAL B 325 25.00 0.88 -18.54
CA VAL B 325 25.58 0.07 -17.43
C VAL B 325 25.65 -1.37 -17.89
N PHE B 326 26.85 -1.97 -17.87
CA PHE B 326 27.10 -3.38 -18.24
C PHE B 326 27.04 -4.23 -16.98
N ILE B 327 26.23 -5.28 -16.96
CA ILE B 327 25.98 -6.08 -15.72
C ILE B 327 26.34 -7.52 -15.99
N PRO B 328 27.37 -8.08 -15.32
CA PRO B 328 27.75 -9.48 -15.52
C PRO B 328 26.65 -10.47 -15.09
N ALA B 329 26.51 -11.57 -15.82
CA ALA B 329 25.61 -12.69 -15.45
C ALA B 329 25.81 -13.07 -13.98
N GLY B 330 24.72 -13.16 -13.22
CA GLY B 330 24.69 -13.60 -11.80
C GLY B 330 25.10 -12.52 -10.80
N ALA B 331 25.41 -11.31 -11.24
CA ALA B 331 25.71 -10.17 -10.33
C ALA B 331 24.38 -9.64 -9.81
N PRO B 332 24.08 -9.76 -8.50
CA PRO B 332 22.85 -9.20 -7.93
C PRO B 332 22.82 -7.68 -7.98
N HIS B 333 21.63 -7.14 -8.26
CA HIS B 333 21.48 -5.70 -8.52
C HIS B 333 20.06 -5.23 -8.19
N GLN B 334 19.95 -3.95 -7.84
CA GLN B 334 18.68 -3.28 -7.47
C GLN B 334 18.73 -1.88 -8.08
N VAL B 335 17.57 -1.30 -8.40
CA VAL B 335 17.49 0.03 -9.08
C VAL B 335 16.47 0.91 -8.33
N HIS B 336 16.83 2.19 -8.12
CA HIS B 336 15.95 3.20 -7.45
C HIS B 336 15.90 4.44 -8.34
N ASN B 337 14.79 4.68 -9.05
CA ASN B 337 14.62 5.88 -9.93
C ASN B 337 14.55 7.16 -9.07
N LEU B 338 15.40 8.12 -9.41
CA LEU B 338 15.48 9.46 -8.78
C LEU B 338 14.49 10.39 -9.49
N TYR B 339 14.42 10.27 -10.81
CA TYR B 339 13.42 10.97 -11.65
C TYR B 339 12.72 9.93 -12.53
N SER B 340 11.75 10.36 -13.32
CA SER B 340 11.07 9.44 -14.27
C SER B 340 12.07 9.06 -15.37
N CYS B 341 12.21 7.77 -15.67
CA CYS B 341 13.25 7.22 -16.56
C CYS B 341 12.62 6.33 -17.61
N ILE B 342 13.13 6.42 -18.84
CA ILE B 342 12.95 5.40 -19.89
C ILE B 342 14.31 4.70 -20.09
N LYS B 343 14.37 3.40 -19.86
CA LYS B 343 15.64 2.63 -20.04
C LYS B 343 15.36 1.56 -21.07
N VAL B 344 16.38 1.13 -21.83
CA VAL B 344 16.29 -0.06 -22.73
C VAL B 344 17.50 -0.96 -22.47
N ALA B 345 17.26 -2.25 -22.34
CA ALA B 345 18.27 -3.30 -21.97
C ALA B 345 18.30 -4.39 -23.05
N GLU B 346 19.49 -4.94 -23.35
CA GLU B 346 19.71 -6.08 -24.27
C GLU B 346 20.52 -7.15 -23.54
N ASP B 347 20.06 -8.38 -23.52
CA ASP B 347 20.83 -9.50 -22.91
C ASP B 347 21.88 -9.95 -23.94
N PHE B 348 23.01 -10.51 -23.51
CA PHE B 348 24.00 -11.13 -24.44
C PHE B 348 24.81 -12.17 -23.67
N VAL B 349 25.70 -12.90 -24.36
CA VAL B 349 26.59 -13.91 -23.72
C VAL B 349 28.04 -13.70 -24.15
N SER B 350 28.89 -13.22 -23.23
CA SER B 350 30.34 -13.09 -23.42
C SER B 350 31.07 -14.40 -23.14
N PRO B 351 32.20 -14.66 -23.83
CA PRO B 351 33.02 -15.82 -23.51
C PRO B 351 33.56 -15.85 -22.07
N GLU B 352 34.00 -14.71 -21.61
CA GLU B 352 34.44 -14.46 -20.23
C GLU B 352 33.44 -15.06 -19.23
N HIS B 353 32.11 -15.00 -19.44
CA HIS B 353 31.10 -15.44 -18.43
C HIS B 353 30.32 -16.71 -18.84
N VAL B 354 30.73 -17.42 -19.87
CA VAL B 354 29.93 -18.58 -20.39
C VAL B 354 29.74 -19.67 -19.31
N LYS B 355 30.76 -19.98 -18.51
CA LYS B 355 30.62 -20.98 -17.41
C LYS B 355 29.52 -20.54 -16.43
N HIS B 356 29.52 -19.27 -16.01
CA HIS B 356 28.51 -18.70 -15.08
C HIS B 356 27.10 -18.91 -15.67
N CYS B 357 26.90 -18.58 -16.96
CA CYS B 357 25.62 -18.63 -17.69
C CYS B 357 25.07 -20.08 -17.67
N PHE B 358 25.95 -21.08 -17.80
CA PHE B 358 25.57 -22.52 -17.76
C PHE B 358 25.07 -22.88 -16.34
N ARG B 359 25.77 -22.43 -15.31
CA ARG B 359 25.43 -22.69 -13.90
C ARG B 359 24.11 -21.99 -13.55
N LEU B 360 23.99 -20.70 -13.88
CA LEU B 360 22.82 -19.85 -13.52
C LEU B 360 21.57 -20.43 -14.20
N THR B 361 21.71 -20.91 -15.44
CA THR B 361 20.61 -21.52 -16.23
C THR B 361 20.16 -22.82 -15.52
N GLN B 362 21.12 -23.62 -15.03
CA GLN B 362 20.88 -24.91 -14.30
C GLN B 362 20.06 -24.60 -13.02
N GLU B 363 20.50 -23.61 -12.25
CA GLU B 363 19.87 -23.20 -10.97
C GLU B 363 18.47 -22.65 -11.28
N PHE B 364 18.28 -21.93 -12.39
CA PHE B 364 16.97 -21.33 -12.71
C PHE B 364 15.96 -22.46 -12.99
N ARG B 365 16.35 -23.49 -13.72
CA ARG B 365 15.47 -24.66 -14.00
C ARG B 365 15.13 -25.40 -12.68
N HIS B 366 16.11 -25.56 -11.77
CA HIS B 366 15.92 -26.19 -10.43
C HIS B 366 14.88 -25.40 -9.59
N LEU B 367 15.04 -24.08 -9.51
CA LEU B 367 14.18 -23.16 -8.71
C LEU B 367 12.78 -23.07 -9.31
N SER B 368 12.57 -23.47 -10.56
CA SER B 368 11.25 -23.44 -11.24
C SER B 368 10.30 -24.49 -10.65
N ASN B 369 10.73 -25.76 -10.63
CA ASN B 369 9.85 -26.93 -10.31
C ASN B 369 10.29 -27.57 -8.99
#